data_7K6C
#
_entry.id   7K6C
#
_cell.length_a   75.630
_cell.length_b   62.490
_cell.length_c   124.550
_cell.angle_alpha   90.000
_cell.angle_beta   94.670
_cell.angle_gamma   90.000
#
_symmetry.space_group_name_H-M   'P 1 21 1'
#
loop_
_entity.id
_entity.type
_entity.pdbx_description
1 polymer 'Dihydrofolate reductase'
2 non-polymer 'NADP NICOTINAMIDE-ADENINE-DINUCLEOTIDE PHOSPHATE'
3 non-polymer '3-(2-{3-[(2,4-diamino-6-ethylpyrimidin-5-yl)oxy]propoxy}phenyl)propanoic acid'
4 non-polymer 'CALCIUM ION'
5 non-polymer 1,2-ETHANEDIOL
6 water water
#
_entity_poly.entity_id   1
_entity_poly.type   'polypeptide(L)'
_entity_poly.pdbx_seq_one_letter_code
;MAHHHHHHMTGTIGLIWAQTRAGVIGADGAIPWRLPEDQARFKRITMGHTVIMGRKTWESLPGSVRPLPGRPNIVLTRDA
LFEPDGALAVGSADAALAASDEAPWVIGGGEIYRLFLPLAQRCEVTVVEADVPGDALAPELGEGWVVETNDWQTSESGLR
YQFLSYRKVDG
;
_entity_poly.pdbx_strand_id   A,B,C,D,E,F,G
#
# COMPACT_ATOMS: atom_id res chain seq x y z
N GLY A 11 4.06 4.76 -3.42
CA GLY A 11 4.32 6.18 -3.27
C GLY A 11 5.72 6.60 -3.69
N THR A 12 5.82 7.72 -4.41
CA THR A 12 7.09 8.24 -4.92
C THR A 12 7.22 9.69 -4.50
N ILE A 13 8.13 9.97 -3.58
CA ILE A 13 8.36 11.33 -3.11
C ILE A 13 9.50 11.94 -3.92
N GLY A 14 9.26 13.11 -4.50
CA GLY A 14 10.29 13.83 -5.22
C GLY A 14 10.60 15.15 -4.53
N LEU A 15 11.86 15.58 -4.66
CA LEU A 15 12.27 16.93 -4.30
C LEU A 15 12.65 17.70 -5.55
N ILE A 16 12.30 18.98 -5.59
CA ILE A 16 12.65 19.83 -6.72
C ILE A 16 13.11 21.18 -6.18
N TRP A 17 14.28 21.63 -6.63
CA TRP A 17 14.80 22.91 -6.17
C TRP A 17 15.77 23.47 -7.20
N ALA A 18 16.04 24.77 -7.06
CA ALA A 18 17.05 25.46 -7.85
C ALA A 18 18.05 26.09 -6.89
N GLN A 19 19.34 25.91 -7.16
CA GLN A 19 20.39 26.39 -6.28
C GLN A 19 21.51 27.03 -7.09
N THR A 20 22.23 27.95 -6.45
CA THR A 20 23.50 28.34 -7.03
C THR A 20 24.46 27.16 -6.92
N ARG A 21 25.59 27.28 -7.61
CA ARG A 21 26.61 26.25 -7.53
CA ARG A 21 26.62 26.24 -7.53
C ARG A 21 27.03 25.98 -6.08
N ALA A 22 27.08 27.02 -5.26
CA ALA A 22 27.49 26.89 -3.87
C ALA A 22 26.41 26.38 -2.94
N GLY A 23 25.18 26.19 -3.43
CA GLY A 23 24.11 25.62 -2.63
C GLY A 23 23.06 26.58 -2.11
N VAL A 24 23.15 27.87 -2.46
CA VAL A 24 22.18 28.85 -2.00
C VAL A 24 20.86 28.67 -2.73
N ILE A 25 19.76 28.66 -1.99
CA ILE A 25 18.43 28.59 -2.58
C ILE A 25 17.57 29.81 -2.28
N GLY A 26 17.87 30.58 -1.24
CA GLY A 26 17.03 31.70 -0.90
C GLY A 26 17.79 32.73 -0.09
N ALA A 27 17.28 33.96 -0.14
CA ALA A 27 17.87 35.09 0.59
C ALA A 27 16.76 36.06 0.92
N ASP A 28 16.62 36.38 2.21
CA ASP A 28 15.61 37.34 2.68
C ASP A 28 14.21 36.97 2.20
N GLY A 29 13.90 35.68 2.29
CA GLY A 29 12.57 35.20 1.97
C GLY A 29 12.22 35.13 0.51
N ALA A 30 13.21 35.17 -0.38
CA ALA A 30 12.95 35.08 -1.81
C ALA A 30 14.06 34.30 -2.50
N ILE A 31 13.86 34.02 -3.78
CA ILE A 31 14.86 33.37 -4.62
C ILE A 31 15.67 34.46 -5.31
N PRO A 32 17.00 34.52 -5.10
CA PRO A 32 17.74 35.71 -5.55
C PRO A 32 18.18 35.68 -7.00
N TRP A 33 17.32 35.21 -7.91
CA TRP A 33 17.61 35.28 -9.33
C TRP A 33 16.30 35.08 -10.09
N ARG A 34 16.35 35.36 -11.40
CA ARG A 34 15.22 35.16 -12.29
C ARG A 34 15.64 34.17 -13.37
N LEU A 35 14.88 33.09 -13.52
CA LEU A 35 15.24 32.04 -14.48
C LEU A 35 13.95 31.47 -15.08
N PRO A 36 13.42 32.10 -16.13
CA PRO A 36 12.11 31.68 -16.66
C PRO A 36 12.08 30.25 -17.13
N GLU A 37 13.18 29.74 -17.69
CA GLU A 37 13.23 28.35 -18.12
C GLU A 37 13.03 27.41 -16.95
N ASP A 38 13.51 27.80 -15.77
CA ASP A 38 13.33 26.99 -14.57
C ASP A 38 11.89 27.04 -14.07
N GLN A 39 11.27 28.22 -14.10
CA GLN A 39 9.86 28.33 -13.70
C GLN A 39 8.99 27.45 -14.59
N ALA A 40 9.22 27.48 -15.90
CA ALA A 40 8.47 26.65 -16.83
C ALA A 40 8.69 25.17 -16.55
N ARG A 41 9.94 24.76 -16.31
CA ARG A 41 10.21 23.36 -16.00
C ARG A 41 9.54 22.94 -14.70
N PHE A 42 9.69 23.75 -13.65
CA PHE A 42 9.05 23.47 -12.36
C PHE A 42 7.54 23.27 -12.54
N LYS A 43 6.92 24.18 -13.29
CA LYS A 43 5.48 24.08 -13.49
C LYS A 43 5.11 22.81 -14.23
N ARG A 44 5.85 22.50 -15.31
CA ARG A 44 5.55 21.30 -16.09
C ARG A 44 5.73 20.04 -15.25
N ILE A 45 6.79 19.98 -14.45
CA ILE A 45 7.06 18.78 -13.66
C ILE A 45 6.00 18.58 -12.58
N THR A 46 5.62 19.65 -11.88
CA THR A 46 4.76 19.48 -10.72
C THR A 46 3.27 19.52 -11.05
N MET A 47 2.89 19.96 -12.25
CA MET A 47 1.47 20.17 -12.56
C MET A 47 0.69 18.88 -12.33
N GLY A 48 -0.46 18.99 -11.69
CA GLY A 48 -1.31 17.85 -11.41
C GLY A 48 -0.89 17.02 -10.22
N HIS A 49 0.26 17.30 -9.62
CA HIS A 49 0.77 16.58 -8.45
C HIS A 49 0.54 17.40 -7.18
N THR A 50 0.42 16.71 -6.05
CA THR A 50 0.53 17.38 -4.76
C THR A 50 1.88 18.08 -4.64
N VAL A 51 1.88 19.31 -4.15
CA VAL A 51 3.12 20.02 -3.83
C VAL A 51 3.16 20.32 -2.32
N ILE A 52 4.29 20.00 -1.69
CA ILE A 52 4.48 20.16 -0.25
C ILE A 52 5.51 21.26 -0.02
N MET A 53 5.18 22.20 0.87
CA MET A 53 6.07 23.34 1.10
C MET A 53 6.02 23.76 2.55
N GLY A 54 7.09 24.45 2.99
CA GLY A 54 7.08 25.09 4.29
C GLY A 54 6.32 26.41 4.30
N ARG A 55 5.91 26.83 5.50
CA ARG A 55 5.09 28.04 5.62
C ARG A 55 5.81 29.24 5.02
N LYS A 56 7.12 29.34 5.22
CA LYS A 56 7.84 30.48 4.67
C LYS A 56 7.83 30.45 3.15
N THR A 57 7.86 29.26 2.55
CA THR A 57 7.78 29.17 1.09
C THR A 57 6.39 29.56 0.57
N TRP A 58 5.34 29.11 1.26
CA TRP A 58 4.00 29.57 0.91
C TRP A 58 3.97 31.10 0.91
N GLU A 59 4.53 31.72 1.95
CA GLU A 59 4.54 33.17 2.03
C GLU A 59 5.44 33.83 0.97
N SER A 60 6.46 33.12 0.49
CA SER A 60 7.27 33.71 -0.55
C SER A 60 6.61 33.67 -1.92
N LEU A 61 5.53 32.92 -2.07
CA LEU A 61 4.88 32.82 -3.36
C LEU A 61 4.26 34.16 -3.75
N PRO A 62 4.46 34.62 -4.99
CA PRO A 62 3.69 35.77 -5.45
C PRO A 62 2.20 35.47 -5.33
N GLY A 63 1.44 36.47 -4.91
CA GLY A 63 0.03 36.24 -4.63
C GLY A 63 -0.74 35.70 -5.82
N SER A 64 -0.31 36.05 -7.03
CA SER A 64 -0.99 35.60 -8.24
C SER A 64 -0.83 34.11 -8.47
N VAL A 65 0.15 33.48 -7.83
CA VAL A 65 0.32 32.03 -7.96
C VAL A 65 0.34 31.41 -6.56
N ARG A 66 -0.42 31.99 -5.65
CA ARG A 66 -0.61 31.42 -4.32
C ARG A 66 -2.09 31.19 -4.11
N PRO A 67 -2.58 29.95 -4.11
CA PRO A 67 -1.86 28.69 -4.25
C PRO A 67 -1.35 28.45 -5.66
N LEU A 68 -0.39 27.54 -5.80
CA LEU A 68 0.07 27.19 -7.12
C LEU A 68 -1.08 26.54 -7.88
N PRO A 69 -1.47 27.05 -9.05
CA PRO A 69 -2.69 26.55 -9.70
C PRO A 69 -2.49 25.16 -10.28
N GLY A 70 -3.58 24.39 -10.29
CA GLY A 70 -3.59 23.06 -10.88
C GLY A 70 -2.90 21.98 -10.09
N ARG A 71 -2.51 22.28 -8.85
CA ARG A 71 -1.82 21.36 -7.95
C ARG A 71 -2.41 21.53 -6.57
N PRO A 72 -2.68 20.44 -5.86
CA PRO A 72 -3.05 20.55 -4.44
C PRO A 72 -1.87 21.08 -3.65
N ASN A 73 -2.08 22.21 -2.96
CA ASN A 73 -1.02 22.82 -2.17
C ASN A 73 -1.12 22.34 -0.73
N ILE A 74 -0.01 21.84 -0.18
CA ILE A 74 0.08 21.44 1.23
C ILE A 74 1.22 22.24 1.88
N VAL A 75 0.93 22.84 3.04
CA VAL A 75 1.86 23.73 3.73
C VAL A 75 2.12 23.19 5.14
N LEU A 76 3.40 23.00 5.48
CA LEU A 76 3.77 22.59 6.83
C LEU A 76 3.92 23.82 7.72
N THR A 77 3.27 23.76 8.89
CA THR A 77 3.38 24.79 9.92
C THR A 77 3.15 24.13 11.27
N ARG A 78 3.70 24.74 12.32
CA ARG A 78 3.41 24.24 13.66
C ARG A 78 2.21 24.92 14.29
N ASP A 79 1.53 25.79 13.54
CA ASP A 79 0.28 26.39 13.96
C ASP A 79 -0.85 25.51 13.44
N ALA A 80 -1.52 24.77 14.33
CA ALA A 80 -2.61 23.90 13.87
C ALA A 80 -3.77 24.69 13.27
N LEU A 81 -3.85 26.01 13.54
CA LEU A 81 -4.85 26.92 12.99
C LEU A 81 -4.27 27.94 12.01
N PHE A 82 -3.27 27.57 11.21
CA PHE A 82 -2.80 28.41 10.11
C PHE A 82 -3.71 28.16 8.92
N GLU A 83 -4.19 29.22 8.27
CA GLU A 83 -5.23 29.06 7.26
C GLU A 83 -4.81 29.60 5.89
N PRO A 84 -4.07 28.80 5.11
CA PRO A 84 -3.75 29.17 3.73
C PRO A 84 -4.96 28.91 2.85
N ASP A 85 -5.58 29.97 2.36
CA ASP A 85 -6.80 29.84 1.56
C ASP A 85 -6.49 29.16 0.23
N GLY A 86 -7.18 28.06 -0.03
CA GLY A 86 -6.91 27.31 -1.24
C GLY A 86 -5.83 26.27 -1.07
N ALA A 87 -5.36 26.04 0.16
CA ALA A 87 -4.33 25.05 0.46
C ALA A 87 -4.69 24.34 1.75
N LEU A 88 -4.00 23.24 2.03
CA LEU A 88 -4.13 22.49 3.27
C LEU A 88 -2.93 22.74 4.18
N ALA A 89 -3.19 23.17 5.41
CA ALA A 89 -2.14 23.30 6.42
C ALA A 89 -2.03 22.01 7.22
N VAL A 90 -0.79 21.50 7.37
CA VAL A 90 -0.56 20.32 8.19
C VAL A 90 0.60 20.58 9.14
N GLY A 91 0.68 19.77 10.19
CA GLY A 91 1.68 19.97 11.23
C GLY A 91 2.84 18.99 11.27
N SER A 92 2.95 18.07 10.31
CA SER A 92 4.04 17.09 10.37
C SER A 92 4.27 16.50 8.98
N ALA A 93 5.45 15.90 8.80
CA ALA A 93 5.76 15.23 7.55
C ALA A 93 4.83 14.03 7.33
N ASP A 94 4.54 13.27 8.39
CA ASP A 94 3.61 12.16 8.26
C ASP A 94 2.24 12.65 7.80
N ALA A 95 1.78 13.77 8.35
CA ALA A 95 0.44 14.26 7.99
C ALA A 95 0.41 14.75 6.56
N ALA A 96 1.50 15.38 6.11
CA ALA A 96 1.59 15.85 4.73
C ALA A 96 1.52 14.67 3.76
N LEU A 97 2.27 13.61 4.04
CA LEU A 97 2.26 12.46 3.14
C LEU A 97 0.91 11.73 3.21
N ALA A 98 0.30 11.66 4.39
CA ALA A 98 -1.02 11.05 4.48
C ALA A 98 -2.06 11.79 3.64
N ALA A 99 -1.86 13.10 3.43
CA ALA A 99 -2.77 13.91 2.63
C ALA A 99 -2.33 14.03 1.18
N SER A 100 -1.23 13.39 0.80
CA SER A 100 -0.68 13.54 -0.53
C SER A 100 -1.25 12.50 -1.48
N ASP A 101 -1.12 12.77 -2.77
CA ASP A 101 -1.40 11.80 -3.81
C ASP A 101 -0.22 10.83 -3.89
N GLU A 102 -0.17 10.02 -4.95
CA GLU A 102 0.83 8.98 -5.09
C GLU A 102 2.21 9.51 -5.49
N ALA A 103 2.33 10.76 -5.93
CA ALA A 103 3.61 11.29 -6.41
C ALA A 103 3.76 12.77 -6.03
N PRO A 104 3.88 13.07 -4.73
CA PRO A 104 4.04 14.48 -4.33
C PRO A 104 5.42 14.99 -4.65
N TRP A 105 5.52 16.31 -4.82
CA TRP A 105 6.78 17.00 -4.99
C TRP A 105 6.98 17.93 -3.80
N VAL A 106 8.12 17.81 -3.16
CA VAL A 106 8.51 18.71 -2.10
C VAL A 106 9.19 19.91 -2.75
N ILE A 107 8.64 21.11 -2.54
CA ILE A 107 9.04 22.27 -3.33
C ILE A 107 9.75 23.33 -2.49
N GLY A 108 10.14 23.03 -1.27
CA GLY A 108 10.91 23.94 -0.46
C GLY A 108 10.13 24.45 0.74
N GLY A 109 10.83 25.18 1.59
CA GLY A 109 12.21 25.59 1.36
C GLY A 109 13.27 24.78 2.07
N GLY A 110 14.28 25.48 2.61
CA GLY A 110 15.45 24.81 3.17
C GLY A 110 15.09 23.84 4.28
N GLU A 111 14.23 24.27 5.21
CA GLU A 111 13.83 23.39 6.30
C GLU A 111 13.04 22.20 5.77
N ILE A 112 12.14 22.42 4.84
CA ILE A 112 11.28 21.34 4.39
C ILE A 112 12.03 20.34 3.51
N TYR A 113 12.97 20.81 2.68
CA TYR A 113 13.81 19.88 1.91
C TYR A 113 14.53 18.89 2.83
N ARG A 114 15.18 19.41 3.87
CA ARG A 114 15.92 18.54 4.78
C ARG A 114 14.99 17.55 5.49
N LEU A 115 13.75 17.95 5.74
CA LEU A 115 12.82 17.07 6.42
C LEU A 115 12.45 15.86 5.55
N PHE A 116 12.26 16.06 4.25
CA PHE A 116 11.77 15.00 3.38
C PHE A 116 12.87 14.25 2.61
N LEU A 117 14.09 14.77 2.56
CA LEU A 117 15.15 14.10 1.81
C LEU A 117 15.33 12.62 2.17
N PRO A 118 15.31 12.20 3.43
CA PRO A 118 15.46 10.76 3.72
C PRO A 118 14.38 9.88 3.13
N LEU A 119 13.22 10.44 2.78
CA LEU A 119 12.12 9.69 2.17
C LEU A 119 12.07 9.81 0.65
N ALA A 120 12.94 10.62 0.06
CA ALA A 120 12.81 10.95 -1.35
C ALA A 120 13.40 9.85 -2.23
N GLN A 121 12.83 9.71 -3.43
CA GLN A 121 13.37 8.82 -4.44
C GLN A 121 13.98 9.56 -5.64
N ARG A 122 13.69 10.84 -5.82
CA ARG A 122 14.37 11.59 -6.85
C ARG A 122 14.44 13.05 -6.45
N CYS A 123 15.47 13.73 -6.95
CA CYS A 123 15.66 15.15 -6.76
C CYS A 123 15.85 15.76 -8.14
N GLU A 124 15.01 16.73 -8.47
CA GLU A 124 15.12 17.49 -9.70
C GLU A 124 15.75 18.83 -9.33
N VAL A 125 16.97 19.03 -9.78
CA VAL A 125 17.80 20.12 -9.33
C VAL A 125 18.12 20.98 -10.52
N THR A 126 17.95 22.28 -10.36
CA THR A 126 18.48 23.27 -11.28
C THR A 126 19.67 23.91 -10.60
N VAL A 127 20.81 23.91 -11.28
CA VAL A 127 22.00 24.59 -10.80
C VAL A 127 22.17 25.85 -11.63
N VAL A 128 22.38 26.98 -10.98
CA VAL A 128 22.49 28.27 -11.66
C VAL A 128 23.87 28.86 -11.38
N GLU A 129 24.44 29.51 -12.39
CA GLU A 129 25.77 30.10 -12.26
C GLU A 129 25.59 31.51 -11.71
N ALA A 130 25.56 31.63 -10.39
CA ALA A 130 25.30 32.92 -9.76
C ALA A 130 26.00 32.93 -8.40
N ASP A 131 26.99 33.82 -8.27
CA ASP A 131 27.73 33.98 -7.02
C ASP A 131 26.99 35.00 -6.15
N VAL A 132 25.85 34.55 -5.65
CA VAL A 132 24.97 35.37 -4.83
C VAL A 132 24.85 34.74 -3.45
N PRO A 133 24.86 35.53 -2.37
CA PRO A 133 24.73 34.97 -1.03
C PRO A 133 23.27 34.77 -0.66
N GLY A 134 23.06 34.03 0.41
CA GLY A 134 21.72 33.76 0.89
C GLY A 134 21.76 33.16 2.28
N ASP A 135 20.57 33.03 2.87
CA ASP A 135 20.43 32.50 4.22
C ASP A 135 19.76 31.13 4.23
N ALA A 136 19.36 30.61 3.07
CA ALA A 136 18.74 29.30 2.97
C ALA A 136 19.50 28.48 1.93
N LEU A 137 19.77 27.22 2.27
CA LEU A 137 20.65 26.34 1.51
C LEU A 137 19.92 25.10 1.02
N ALA A 138 20.37 24.56 -0.11
CA ALA A 138 19.86 23.28 -0.59
C ALA A 138 20.32 22.15 0.34
N PRO A 139 19.58 21.04 0.38
CA PRO A 139 20.05 19.90 1.18
C PRO A 139 21.28 19.29 0.53
N GLU A 140 22.10 18.68 1.37
CA GLU A 140 23.32 18.03 0.94
C GLU A 140 23.01 16.60 0.50
N LEU A 141 23.39 16.27 -0.73
CA LEU A 141 23.20 14.92 -1.25
C LEU A 141 24.49 14.13 -1.01
N GLY A 142 24.43 13.16 -0.12
CA GLY A 142 25.53 12.27 0.12
C GLY A 142 25.40 10.99 -0.67
N GLU A 143 25.99 9.92 -0.14
CA GLU A 143 25.96 8.65 -0.85
C GLU A 143 24.52 8.18 -1.04
N GLY A 144 24.29 7.48 -2.15
CA GLY A 144 23.01 6.86 -2.47
C GLY A 144 22.35 7.39 -3.72
N TRP A 145 22.90 8.40 -4.39
CA TRP A 145 22.29 9.02 -5.55
C TRP A 145 23.17 8.83 -6.78
N VAL A 146 22.53 8.77 -7.94
CA VAL A 146 23.23 8.74 -9.22
C VAL A 146 22.61 9.82 -10.10
N VAL A 147 23.43 10.47 -10.92
CA VAL A 147 22.96 11.56 -11.78
C VAL A 147 23.78 11.56 -13.08
N GLU A 148 23.12 11.85 -14.20
CA GLU A 148 23.79 12.12 -15.46
C GLU A 148 23.90 13.62 -15.68
N THR A 149 25.07 14.08 -16.11
CA THR A 149 25.23 15.50 -16.31
C THR A 149 24.53 15.92 -17.61
N ASN A 150 24.19 17.21 -17.67
CA ASN A 150 23.62 17.81 -18.87
C ASN A 150 24.45 19.03 -19.23
N ASP A 151 24.34 19.46 -20.49
CA ASP A 151 25.04 20.66 -20.91
C ASP A 151 24.49 21.87 -20.18
N TRP A 152 25.38 22.81 -19.86
CA TRP A 152 24.92 24.08 -19.32
C TRP A 152 24.21 24.87 -20.41
N GLN A 153 23.17 25.59 -20.02
CA GLN A 153 22.33 26.35 -20.93
C GLN A 153 22.45 27.83 -20.61
N THR A 154 22.04 28.65 -21.57
CA THR A 154 22.01 30.10 -21.41
C THR A 154 20.56 30.55 -21.50
N SER A 155 20.08 31.22 -20.46
CA SER A 155 18.70 31.67 -20.49
C SER A 155 18.59 32.96 -21.31
N GLU A 156 17.36 33.25 -21.75
CA GLU A 156 17.07 34.57 -22.30
C GLU A 156 17.41 35.67 -21.31
N SER A 157 17.27 35.39 -20.01
CA SER A 157 17.68 36.34 -18.97
C SER A 157 19.19 36.50 -18.90
N GLY A 158 19.95 35.64 -19.57
CA GLY A 158 21.40 35.68 -19.60
C GLY A 158 22.08 34.80 -18.57
N LEU A 159 21.37 34.36 -17.56
CA LEU A 159 21.96 33.49 -16.56
C LEU A 159 22.18 32.10 -17.17
N ARG A 160 23.29 31.47 -16.82
CA ARG A 160 23.56 30.12 -17.27
C ARG A 160 23.11 29.12 -16.22
N TYR A 161 22.52 28.02 -16.68
CA TYR A 161 21.87 27.09 -15.77
C TYR A 161 22.03 25.67 -16.28
N GLN A 162 21.79 24.72 -15.37
CA GLN A 162 21.93 23.30 -15.66
C GLN A 162 20.86 22.54 -14.88
N PHE A 163 20.21 21.60 -15.56
CA PHE A 163 19.22 20.71 -14.96
C PHE A 163 19.88 19.38 -14.65
N LEU A 164 19.64 18.86 -13.45
CA LEU A 164 20.17 17.58 -13.00
C LEU A 164 19.04 16.75 -12.42
N SER A 165 18.98 15.47 -12.79
CA SER A 165 17.94 14.57 -12.30
CA SER A 165 17.94 14.56 -12.31
C SER A 165 18.59 13.47 -11.47
N TYR A 166 18.61 13.66 -10.15
CA TYR A 166 19.19 12.67 -9.25
C TYR A 166 18.17 11.58 -8.95
N ARG A 167 18.63 10.33 -8.99
CA ARG A 167 17.80 9.20 -8.63
C ARG A 167 18.51 8.35 -7.59
N LYS A 168 17.72 7.73 -6.72
CA LYS A 168 18.28 6.86 -5.69
C LYS A 168 18.80 5.60 -6.35
N VAL A 169 19.99 5.17 -5.92
CA VAL A 169 20.63 3.97 -6.43
C VAL A 169 19.90 2.72 -5.93
N GLY B 11 -6.53 -4.26 -0.58
CA GLY B 11 -6.59 -5.52 0.12
C GLY B 11 -8.01 -6.03 0.38
N THR B 12 -8.32 -7.22 -0.10
CA THR B 12 -9.66 -7.80 0.01
C THR B 12 -9.54 -9.24 0.47
N ILE B 13 -10.01 -9.50 1.69
CA ILE B 13 -10.00 -10.84 2.25
C ILE B 13 -11.34 -11.50 1.91
N GLY B 14 -11.28 -12.66 1.27
CA GLY B 14 -12.47 -13.41 0.94
C GLY B 14 -12.50 -14.72 1.71
N LEU B 15 -13.70 -15.16 2.06
CA LEU B 15 -13.93 -16.49 2.59
C LEU B 15 -14.71 -17.29 1.57
N ILE B 16 -14.37 -18.57 1.43
CA ILE B 16 -15.09 -19.44 0.51
C ILE B 16 -15.28 -20.78 1.20
N TRP B 17 -16.52 -21.28 1.19
CA TRP B 17 -16.82 -22.56 1.84
C TRP B 17 -18.04 -23.19 1.19
N ALA B 18 -18.22 -24.49 1.46
CA ALA B 18 -19.41 -25.23 1.09
C ALA B 18 -20.00 -25.85 2.35
N GLN B 19 -21.31 -25.68 2.53
CA GLN B 19 -21.98 -26.14 3.74
C GLN B 19 -23.28 -26.84 3.38
N THR B 20 -23.69 -27.78 4.24
CA THR B 20 -25.06 -28.26 4.18
C THR B 20 -26.00 -27.15 4.61
N ARG B 21 -27.29 -27.36 4.39
CA ARG B 21 -28.25 -26.33 4.74
C ARG B 21 -28.20 -26.01 6.24
N ALA B 22 -27.86 -26.99 7.07
CA ALA B 22 -27.69 -26.79 8.51
C ALA B 22 -26.29 -26.25 8.89
N GLY B 23 -25.38 -26.08 7.95
CA GLY B 23 -24.14 -25.42 8.28
C GLY B 23 -22.94 -26.34 8.44
N VAL B 24 -23.09 -27.65 8.23
CA VAL B 24 -21.98 -28.58 8.34
C VAL B 24 -21.04 -28.40 7.15
N ILE B 25 -19.73 -28.32 7.41
CA ILE B 25 -18.73 -28.28 6.35
C ILE B 25 -17.77 -29.47 6.38
N GLY B 26 -17.64 -30.18 7.49
CA GLY B 26 -16.67 -31.26 7.55
C GLY B 26 -17.07 -32.28 8.59
N ALA B 27 -16.54 -33.49 8.41
CA ALA B 27 -16.79 -34.59 9.32
C ALA B 27 -15.61 -35.52 9.25
N ASP B 28 -15.02 -35.83 10.41
CA ASP B 28 -13.92 -36.80 10.50
C ASP B 28 -12.81 -36.45 9.52
N GLY B 29 -12.49 -35.17 9.42
CA GLY B 29 -11.37 -34.74 8.60
C GLY B 29 -11.58 -34.74 7.11
N ALA B 30 -12.83 -34.77 6.65
CA ALA B 30 -13.15 -34.73 5.23
C ALA B 30 -14.42 -33.93 5.04
N ILE B 31 -14.77 -33.69 3.79
CA ILE B 31 -16.05 -33.07 3.41
C ILE B 31 -17.04 -34.18 3.10
N PRO B 32 -18.17 -34.28 3.81
CA PRO B 32 -18.98 -35.50 3.70
C PRO B 32 -19.96 -35.52 2.53
N TRP B 33 -19.53 -35.05 1.35
CA TRP B 33 -20.30 -35.18 0.12
C TRP B 33 -19.34 -34.97 -1.04
N ARG B 34 -19.78 -35.31 -2.24
CA ARG B 34 -18.99 -35.05 -3.43
C ARG B 34 -19.77 -34.15 -4.38
N LEU B 35 -19.16 -33.04 -4.80
CA LEU B 35 -19.85 -32.06 -5.66
C LEU B 35 -18.86 -31.47 -6.66
N PRO B 36 -18.72 -32.09 -7.83
CA PRO B 36 -17.72 -31.64 -8.80
C PRO B 36 -17.93 -30.21 -9.26
N GLU B 37 -19.19 -29.75 -9.38
CA GLU B 37 -19.43 -28.37 -9.77
C GLU B 37 -18.85 -27.40 -8.75
N ASP B 38 -18.92 -27.76 -7.47
CA ASP B 38 -18.35 -26.89 -6.44
C ASP B 38 -16.84 -26.94 -6.47
N GLN B 39 -16.27 -28.13 -6.65
CA GLN B 39 -14.83 -28.26 -6.83
C GLN B 39 -14.33 -27.33 -7.95
N ALA B 40 -15.01 -27.36 -9.10
CA ALA B 40 -14.63 -26.51 -10.22
C ALA B 40 -14.75 -25.04 -9.87
N ARG B 41 -15.86 -24.66 -9.21
CA ARG B 41 -16.06 -23.28 -8.81
C ARG B 41 -14.99 -22.82 -7.82
N PHE B 42 -14.71 -23.64 -6.81
CA PHE B 42 -13.68 -23.32 -5.83
C PHE B 42 -12.33 -23.06 -6.49
N LYS B 43 -11.93 -23.95 -7.41
CA LYS B 43 -10.66 -23.81 -8.10
C LYS B 43 -10.63 -22.56 -8.97
N ARG B 44 -11.72 -22.28 -9.67
CA ARG B 44 -11.77 -21.07 -10.49
CA ARG B 44 -11.78 -21.07 -10.49
C ARG B 44 -11.60 -19.82 -9.65
N ILE B 45 -12.35 -19.71 -8.56
CA ILE B 45 -12.35 -18.48 -7.77
C ILE B 45 -10.99 -18.24 -7.12
N THR B 46 -10.37 -19.29 -6.57
CA THR B 46 -9.12 -19.13 -5.83
C THR B 46 -7.86 -19.17 -6.69
N MET B 47 -7.94 -19.62 -7.94
CA MET B 47 -6.74 -19.84 -8.74
C MET B 47 -5.91 -18.57 -8.87
N GLY B 48 -4.60 -18.70 -8.66
CA GLY B 48 -3.72 -17.56 -8.76
C GLY B 48 -3.69 -16.66 -7.53
N HIS B 49 -4.54 -16.90 -6.52
CA HIS B 49 -4.57 -16.10 -5.30
C HIS B 49 -3.95 -16.90 -4.16
N THR B 50 -3.41 -16.19 -3.17
CA THR B 50 -3.07 -16.83 -1.91
C THR B 50 -4.29 -17.53 -1.34
N VAL B 51 -4.11 -18.77 -0.86
CA VAL B 51 -5.14 -19.47 -0.11
C VAL B 51 -4.61 -19.71 1.30
N ILE B 52 -5.41 -19.33 2.29
CA ILE B 52 -5.07 -19.44 3.70
C ILE B 52 -5.97 -20.51 4.31
N MET B 53 -5.37 -21.48 5.03
CA MET B 53 -6.12 -22.60 5.59
C MET B 53 -5.55 -22.99 6.97
N GLY B 54 -6.40 -23.64 7.78
CA GLY B 54 -5.94 -24.19 9.03
C GLY B 54 -5.19 -25.50 8.84
N ARG B 55 -4.41 -25.88 9.85
CA ARG B 55 -3.61 -27.11 9.73
C ARG B 55 -4.48 -28.32 9.44
N LYS B 56 -5.65 -28.39 10.06
CA LYS B 56 -6.46 -29.58 9.83
C LYS B 56 -6.98 -29.64 8.39
N THR B 57 -7.25 -28.49 7.79
CA THR B 57 -7.68 -28.46 6.40
C THR B 57 -6.55 -28.87 5.46
N TRP B 58 -5.32 -28.42 5.75
CA TRP B 58 -4.17 -28.90 4.99
C TRP B 58 -4.11 -30.43 5.01
N GLU B 59 -4.28 -31.02 6.20
CA GLU B 59 -4.23 -32.48 6.30
C GLU B 59 -5.42 -33.13 5.60
N SER B 60 -6.53 -32.41 5.46
CA SER B 60 -7.69 -32.98 4.77
C SER B 60 -7.53 -32.98 3.26
N LEU B 61 -6.58 -32.23 2.72
CA LEU B 61 -6.42 -32.18 1.26
C LEU B 61 -5.95 -33.53 0.73
N PRO B 62 -6.59 -34.07 -0.32
CA PRO B 62 -6.02 -35.26 -0.98
C PRO B 62 -4.61 -34.95 -1.47
N GLY B 63 -3.74 -35.95 -1.36
CA GLY B 63 -2.34 -35.70 -1.63
C GLY B 63 -2.06 -35.15 -3.01
N SER B 64 -2.89 -35.51 -3.99
CA SER B 64 -2.69 -35.05 -5.38
C SER B 64 -2.98 -33.56 -5.54
N VAL B 65 -3.69 -32.95 -4.59
CA VAL B 65 -3.95 -31.52 -4.66
C VAL B 65 -3.41 -30.86 -3.40
N ARG B 66 -2.34 -31.41 -2.84
CA ARG B 66 -1.68 -30.80 -1.69
C ARG B 66 -0.22 -30.57 -2.03
N PRO B 67 0.27 -29.33 -2.14
CA PRO B 67 -0.47 -28.08 -1.94
C PRO B 67 -1.44 -27.89 -3.08
N LEU B 68 -2.42 -27.02 -2.89
CA LEU B 68 -3.34 -26.71 -3.98
C LEU B 68 -2.55 -26.08 -5.12
N PRO B 69 -2.63 -26.59 -6.33
CA PRO B 69 -1.76 -26.11 -7.41
C PRO B 69 -2.15 -24.72 -7.89
N GLY B 70 -1.14 -23.96 -8.31
CA GLY B 70 -1.33 -22.63 -8.90
C GLY B 70 -1.67 -21.54 -7.92
N ARG B 71 -1.57 -21.81 -6.63
CA ARG B 71 -1.90 -20.87 -5.57
C ARG B 71 -0.82 -20.95 -4.50
N PRO B 72 -0.35 -19.82 -3.99
CA PRO B 72 0.50 -19.86 -2.78
C PRO B 72 -0.33 -20.36 -1.60
N ASN B 73 0.11 -21.44 -0.98
CA ASN B 73 -0.60 -22.05 0.15
C ASN B 73 0.01 -21.56 1.46
N ILE B 74 -0.85 -21.10 2.36
CA ILE B 74 -0.47 -20.67 3.70
C ILE B 74 -1.27 -21.49 4.70
N VAL B 75 -0.59 -22.07 5.69
CA VAL B 75 -1.21 -22.97 6.66
C VAL B 75 -1.01 -22.40 8.06
N LEU B 76 -2.10 -22.18 8.77
CA LEU B 76 -2.00 -21.73 10.16
C LEU B 76 -1.83 -22.92 11.09
N THR B 77 -0.82 -22.84 11.96
CA THR B 77 -0.60 -23.87 12.98
C THR B 77 0.08 -23.22 14.18
N ARG B 78 -0.15 -23.78 15.37
CA ARG B 78 0.64 -23.38 16.54
C ARG B 78 1.80 -24.34 16.79
N ASP B 79 1.99 -25.29 15.88
CA ASP B 79 3.01 -26.32 15.99
C ASP B 79 4.28 -25.81 15.31
N ALA B 80 5.26 -25.43 16.11
CA ALA B 80 6.52 -24.90 15.59
C ALA B 80 7.31 -25.92 14.78
N LEU B 81 7.00 -27.21 14.89
CA LEU B 81 7.73 -28.22 14.11
C LEU B 81 6.97 -28.67 12.88
N PHE B 82 5.86 -28.03 12.56
CA PHE B 82 5.11 -28.42 11.38
C PHE B 82 5.75 -27.80 10.15
N GLU B 83 6.09 -28.62 9.15
CA GLU B 83 6.77 -28.17 7.95
C GLU B 83 6.04 -28.69 6.72
N PRO B 84 5.00 -28.00 6.26
CA PRO B 84 4.27 -28.46 5.06
C PRO B 84 5.04 -28.19 3.78
N ASP B 85 5.46 -29.26 3.10
CA ASP B 85 6.20 -29.11 1.86
C ASP B 85 5.31 -28.50 0.77
N GLY B 86 5.75 -27.40 0.19
CA GLY B 86 5.02 -26.70 -0.84
C GLY B 86 4.11 -25.62 -0.32
N ALA B 87 4.16 -25.33 0.98
CA ALA B 87 3.32 -24.31 1.60
C ALA B 87 4.14 -23.59 2.66
N LEU B 88 3.61 -22.46 3.12
CA LEU B 88 4.21 -21.69 4.19
C LEU B 88 3.42 -21.92 5.48
N ALA B 89 4.09 -22.36 6.54
CA ALA B 89 3.46 -22.46 7.85
C ALA B 89 3.67 -21.15 8.59
N VAL B 90 2.59 -20.60 9.15
CA VAL B 90 2.66 -19.39 9.95
C VAL B 90 1.91 -19.62 11.25
N GLY B 91 2.20 -18.78 12.24
CA GLY B 91 1.66 -18.98 13.57
C GLY B 91 0.57 -18.04 14.00
N SER B 92 0.09 -17.16 13.11
CA SER B 92 -0.91 -16.16 13.50
C SER B 92 -1.64 -15.65 12.26
N ALA B 93 -2.81 -15.05 12.50
CA ALA B 93 -3.52 -14.41 11.41
C ALA B 93 -2.71 -13.25 10.83
N ASP B 94 -2.10 -12.44 11.70
CA ASP B 94 -1.29 -11.30 11.24
C ASP B 94 -0.18 -11.76 10.30
N ALA B 95 0.49 -12.87 10.65
CA ALA B 95 1.58 -13.36 9.81
C ALA B 95 1.04 -13.95 8.50
N ALA B 96 -0.12 -14.63 8.56
CA ALA B 96 -0.73 -15.13 7.33
C ALA B 96 -1.05 -13.99 6.38
N LEU B 97 -1.62 -12.90 6.88
CA LEU B 97 -1.97 -11.79 6.01
C LEU B 97 -0.73 -11.06 5.52
N ALA B 98 0.27 -10.90 6.38
CA ALA B 98 1.49 -10.23 5.92
C ALA B 98 2.15 -11.00 4.77
N ALA B 99 1.93 -12.30 4.71
CA ALA B 99 2.51 -13.13 3.66
C ALA B 99 1.61 -13.29 2.44
N SER B 100 0.42 -12.68 2.44
CA SER B 100 -0.55 -12.88 1.37
C SER B 100 -0.38 -11.83 0.29
N ASP B 101 -0.94 -12.13 -0.88
CA ASP B 101 -1.08 -11.16 -1.95
C ASP B 101 -2.25 -10.23 -1.59
N GLU B 102 -2.67 -9.40 -2.54
CA GLU B 102 -3.67 -8.37 -2.25
C GLU B 102 -5.09 -8.90 -2.12
N ALA B 103 -5.36 -10.15 -2.55
CA ALA B 103 -6.72 -10.69 -2.54
C ALA B 103 -6.71 -12.15 -2.13
N PRO B 104 -6.34 -12.43 -0.88
CA PRO B 104 -6.31 -13.82 -0.43
C PRO B 104 -7.71 -14.38 -0.23
N TRP B 105 -7.80 -15.71 -0.32
CA TRP B 105 -9.01 -16.47 0.00
C TRP B 105 -8.75 -17.36 1.19
N VAL B 106 -9.62 -17.24 2.19
CA VAL B 106 -9.59 -18.10 3.36
C VAL B 106 -10.46 -19.30 3.02
N ILE B 107 -9.86 -20.49 3.04
CA ILE B 107 -10.51 -21.67 2.48
C ILE B 107 -10.84 -22.71 3.53
N GLY B 108 -10.79 -22.36 4.81
CA GLY B 108 -11.23 -23.24 5.88
C GLY B 108 -10.09 -23.64 6.79
N GLY B 109 -10.44 -24.36 7.87
CA GLY B 109 -11.78 -24.87 8.11
C GLY B 109 -12.58 -24.04 9.11
N GLY B 110 -13.33 -24.71 9.97
CA GLY B 110 -14.24 -23.99 10.86
C GLY B 110 -13.52 -23.01 11.77
N GLU B 111 -12.42 -23.43 12.37
CA GLU B 111 -11.68 -22.53 13.26
C GLU B 111 -11.13 -21.34 12.48
N ILE B 112 -10.59 -21.60 11.30
CA ILE B 112 -9.96 -20.51 10.57
C ILE B 112 -11.01 -19.54 10.00
N TYR B 113 -12.17 -20.05 9.58
CA TYR B 113 -13.25 -19.14 9.16
C TYR B 113 -13.60 -18.18 10.29
N ARG B 114 -13.79 -18.70 11.49
CA ARG B 114 -14.15 -17.83 12.61
C ARG B 114 -13.05 -16.84 12.92
N LEU B 115 -11.81 -17.22 12.67
CA LEU B 115 -10.69 -16.31 12.91
C LEU B 115 -10.70 -15.13 11.96
N PHE B 116 -10.98 -15.38 10.67
CA PHE B 116 -10.88 -14.33 9.66
C PHE B 116 -12.22 -13.65 9.36
N LEU B 117 -13.34 -14.21 9.79
CA LEU B 117 -14.63 -13.61 9.44
C LEU B 117 -14.72 -12.12 9.77
N PRO B 118 -14.25 -11.61 10.91
CA PRO B 118 -14.35 -10.15 11.16
C PRO B 118 -13.59 -9.29 10.16
N LEU B 119 -12.63 -9.86 9.45
CA LEU B 119 -11.85 -9.11 8.47
C LEU B 119 -12.36 -9.28 7.04
N ALA B 120 -13.38 -10.11 6.83
CA ALA B 120 -13.72 -10.50 5.47
C ALA B 120 -14.50 -9.41 4.75
N GLN B 121 -14.32 -9.36 3.44
CA GLN B 121 -15.09 -8.47 2.59
C GLN B 121 -16.06 -9.19 1.68
N ARG B 122 -15.89 -10.49 1.46
CA ARG B 122 -16.86 -11.23 0.69
C ARG B 122 -16.81 -12.69 1.07
N CYS B 123 -17.96 -13.36 0.94
CA CYS B 123 -18.05 -14.78 1.22
C CYS B 123 -18.69 -15.44 0.02
N GLU B 124 -18.01 -16.41 -0.55
CA GLU B 124 -18.54 -17.20 -1.65
C GLU B 124 -18.98 -18.54 -1.05
N VAL B 125 -20.29 -18.76 -1.02
CA VAL B 125 -20.87 -19.86 -0.26
C VAL B 125 -21.54 -20.82 -1.23
N THR B 126 -21.27 -22.11 -1.06
CA THR B 126 -22.03 -23.15 -1.72
C THR B 126 -22.91 -23.82 -0.67
N VAL B 127 -24.19 -23.87 -0.91
CA VAL B 127 -25.12 -24.58 -0.03
C VAL B 127 -25.47 -25.89 -0.69
N VAL B 128 -25.32 -26.99 0.06
CA VAL B 128 -25.51 -28.33 -0.46
C VAL B 128 -26.65 -29.00 0.29
N GLU B 129 -27.59 -29.61 -0.44
CA GLU B 129 -28.72 -30.28 0.19
C GLU B 129 -28.29 -31.71 0.52
N ALA B 130 -27.68 -31.88 1.67
CA ALA B 130 -27.16 -33.17 2.11
C ALA B 130 -27.38 -33.23 3.61
N ASP B 131 -28.23 -34.17 4.05
CA ASP B 131 -28.56 -34.30 5.46
C ASP B 131 -27.51 -35.19 6.14
N VAL B 132 -26.32 -34.63 6.29
CA VAL B 132 -25.21 -35.38 6.90
C VAL B 132 -24.71 -34.66 8.15
N PRO B 133 -24.41 -35.40 9.20
CA PRO B 133 -23.83 -34.80 10.40
C PRO B 133 -22.37 -34.45 10.17
N GLY B 134 -21.82 -33.66 11.08
CA GLY B 134 -20.42 -33.27 10.96
C GLY B 134 -19.93 -32.67 12.25
N ASP B 135 -18.63 -32.40 12.28
CA ASP B 135 -18.00 -31.83 13.46
C ASP B 135 -17.41 -30.45 13.22
N ALA B 136 -17.47 -29.95 12.00
CA ALA B 136 -16.99 -28.62 11.69
C ALA B 136 -18.08 -27.87 10.96
N LEU B 137 -18.26 -26.60 11.33
CA LEU B 137 -19.36 -25.79 10.86
C LEU B 137 -18.89 -24.54 10.11
N ALA B 138 -19.74 -24.08 9.20
CA ALA B 138 -19.55 -22.79 8.55
C ALA B 138 -19.71 -21.69 9.60
N PRO B 139 -19.09 -20.54 9.39
CA PRO B 139 -19.32 -19.43 10.30
C PRO B 139 -20.73 -18.91 10.11
N GLU B 140 -21.26 -18.33 11.18
CA GLU B 140 -22.58 -17.73 11.13
C GLU B 140 -22.47 -16.31 10.58
N LEU B 141 -23.24 -15.99 9.55
CA LEU B 141 -23.23 -14.66 8.99
C LEU B 141 -24.36 -13.85 9.61
N GLY B 142 -24.01 -12.82 10.39
CA GLY B 142 -24.98 -11.91 10.96
C GLY B 142 -25.17 -10.69 10.10
N GLU B 143 -25.52 -9.57 10.73
CA GLU B 143 -25.74 -8.32 10.03
C GLU B 143 -24.49 -7.86 9.28
N GLY B 144 -24.71 -7.18 8.16
CA GLY B 144 -23.65 -6.54 7.40
C GLY B 144 -23.44 -7.06 5.99
N TRP B 145 -24.16 -8.10 5.56
CA TRP B 145 -23.95 -8.74 4.27
C TRP B 145 -25.21 -8.62 3.43
N VAL B 146 -25.05 -8.56 2.12
CA VAL B 146 -26.17 -8.62 1.20
C VAL B 146 -25.89 -9.70 0.17
N VAL B 147 -26.92 -10.42 -0.26
CA VAL B 147 -26.75 -11.53 -1.17
C VAL B 147 -27.96 -11.56 -2.10
N GLU B 148 -27.72 -11.89 -3.37
CA GLU B 148 -28.78 -12.19 -4.31
C GLU B 148 -28.95 -13.69 -4.41
N THR B 149 -30.18 -14.15 -4.41
CA THR B 149 -30.41 -15.58 -4.48
C THR B 149 -30.15 -16.09 -5.88
N ASN B 150 -29.88 -17.38 -5.98
CA ASN B 150 -29.74 -18.09 -7.25
C ASN B 150 -30.64 -19.32 -7.23
N ASP B 151 -30.91 -19.87 -8.41
CA ASP B 151 -31.66 -21.12 -8.52
C ASP B 151 -30.88 -22.28 -7.93
N TRP B 152 -31.62 -23.23 -7.35
CA TRP B 152 -31.01 -24.49 -7.00
C TRP B 152 -30.65 -25.25 -8.28
N GLN B 153 -29.54 -25.97 -8.22
CA GLN B 153 -29.04 -26.76 -9.33
C GLN B 153 -28.96 -28.20 -8.85
N THR B 154 -28.90 -29.13 -9.80
CA THR B 154 -28.75 -30.55 -9.48
C THR B 154 -27.48 -31.08 -10.13
N SER B 155 -26.64 -31.72 -9.34
CA SER B 155 -25.42 -32.31 -9.87
CA SER B 155 -25.42 -32.32 -9.86
C SER B 155 -25.75 -33.61 -10.61
N GLU B 156 -24.73 -34.16 -11.26
CA GLU B 156 -24.94 -35.40 -12.02
C GLU B 156 -25.39 -36.54 -11.12
N SER B 157 -24.90 -36.57 -9.87
CA SER B 157 -25.30 -37.58 -8.89
C SER B 157 -26.71 -37.38 -8.34
N GLY B 158 -27.36 -36.24 -8.59
CA GLY B 158 -28.63 -35.94 -7.97
C GLY B 158 -28.55 -35.02 -6.76
N LEU B 159 -27.35 -34.71 -6.30
CA LEU B 159 -27.17 -33.77 -5.20
C LEU B 159 -27.52 -32.35 -5.63
N ARG B 160 -28.42 -31.70 -4.88
CA ARG B 160 -28.83 -30.34 -5.17
C ARG B 160 -27.90 -29.33 -4.47
N TYR B 161 -27.72 -28.17 -5.10
CA TYR B 161 -26.78 -27.19 -4.58
C TYR B 161 -27.14 -25.82 -5.12
N GLN B 162 -26.57 -24.81 -4.47
CA GLN B 162 -26.85 -23.42 -4.80
C GLN B 162 -25.57 -22.62 -4.53
N PHE B 163 -25.23 -21.70 -5.42
CA PHE B 163 -24.09 -20.78 -5.21
C PHE B 163 -24.63 -19.44 -4.71
N LEU B 164 -23.98 -18.88 -3.68
CA LEU B 164 -24.35 -17.57 -3.14
C LEU B 164 -23.09 -16.73 -2.97
N SER B 165 -23.18 -15.45 -3.36
CA SER B 165 -22.05 -14.53 -3.25
CA SER B 165 -22.06 -14.52 -3.26
C SER B 165 -22.45 -13.41 -2.28
N TYR B 166 -21.95 -13.47 -1.05
CA TYR B 166 -22.22 -12.44 -0.06
C TYR B 166 -21.23 -11.31 -0.20
N ARG B 167 -21.75 -10.09 -0.15
CA ARG B 167 -20.94 -8.88 -0.20
C ARG B 167 -21.31 -7.99 0.97
N LYS B 168 -20.36 -7.16 1.41
CA LYS B 168 -20.64 -6.22 2.50
C LYS B 168 -21.59 -5.11 2.04
N VAL B 169 -22.50 -4.70 2.92
CA VAL B 169 -23.39 -3.60 2.58
C VAL B 169 -22.62 -2.28 2.46
N ASP B 170 -21.56 -2.12 3.24
CA ASP B 170 -20.71 -0.93 3.16
C ASP B 170 -20.14 -0.70 1.76
N GLY C 11 -29.46 16.52 -11.40
CA GLY C 11 -29.03 17.65 -10.60
C GLY C 11 -30.19 18.30 -9.86
N THR C 12 -29.97 18.62 -8.59
CA THR C 12 -30.98 19.21 -7.72
C THR C 12 -30.45 20.52 -7.16
N ILE C 13 -31.04 21.63 -7.60
CA ILE C 13 -30.64 22.96 -7.15
C ILE C 13 -31.53 23.38 -6.00
N GLY C 14 -30.92 23.74 -4.87
CA GLY C 14 -31.64 24.24 -3.72
C GLY C 14 -31.23 25.68 -3.43
N LEU C 15 -32.17 26.45 -2.87
CA LEU C 15 -31.88 27.75 -2.27
C LEU C 15 -32.08 27.67 -0.77
N ILE C 16 -31.23 28.37 -0.02
CA ILE C 16 -31.34 28.40 1.44
C ILE C 16 -31.12 29.83 1.92
N TRP C 17 -32.03 30.33 2.74
CA TRP C 17 -31.89 31.70 3.24
C TRP C 17 -32.63 31.85 4.56
N ALA C 18 -32.31 32.92 5.26
CA ALA C 18 -33.04 33.34 6.46
C ALA C 18 -33.52 34.77 6.22
N GLN C 19 -34.80 35.02 6.53
CA GLN C 19 -35.43 36.30 6.27
C GLN C 19 -36.25 36.73 7.48
N THR C 20 -36.43 38.03 7.62
CA THR C 20 -37.49 38.49 8.51
C THR C 20 -38.84 38.13 7.90
N ARG C 21 -39.91 38.33 8.68
CA ARG C 21 -41.23 37.98 8.17
CA ARG C 21 -41.24 37.98 8.18
C ARG C 21 -41.59 38.81 6.95
N ALA C 22 -41.18 40.06 6.92
CA ALA C 22 -41.44 40.95 5.79
C ALA C 22 -40.47 40.74 4.64
N GLY C 23 -39.48 39.86 4.77
CA GLY C 23 -38.62 39.49 3.66
C GLY C 23 -37.20 40.05 3.67
N VAL C 24 -36.80 40.79 4.71
CA VAL C 24 -35.44 41.33 4.74
C VAL C 24 -34.45 40.19 4.99
N ILE C 25 -33.36 40.17 4.21
CA ILE C 25 -32.27 39.21 4.45
C ILE C 25 -30.96 39.86 4.80
N GLY C 26 -30.75 41.14 4.53
CA GLY C 26 -29.46 41.75 4.76
C GLY C 26 -29.59 43.24 4.91
N ALA C 27 -28.59 43.84 5.56
CA ALA C 27 -28.56 45.28 5.75
C ALA C 27 -27.10 45.68 5.84
N ASP C 28 -26.69 46.63 4.98
CA ASP C 28 -25.33 47.17 5.01
C ASP C 28 -24.28 46.07 4.96
N GLY C 29 -24.48 45.10 4.07
CA GLY C 29 -23.48 44.06 3.86
C GLY C 29 -23.38 43.01 4.96
N ALA C 30 -24.39 42.91 5.82
CA ALA C 30 -24.41 41.94 6.90
C ALA C 30 -25.83 41.45 7.08
N ILE C 31 -26.00 40.42 7.91
CA ILE C 31 -27.31 39.90 8.27
C ILE C 31 -27.73 40.57 9.58
N PRO C 32 -28.85 41.28 9.62
CA PRO C 32 -29.13 42.13 10.78
C PRO C 32 -29.76 41.40 11.97
N TRP C 33 -29.31 40.18 12.25
CA TRP C 33 -29.67 39.45 13.46
C TRP C 33 -28.63 38.36 13.66
N ARG C 34 -28.60 37.80 14.86
CA ARG C 34 -27.73 36.69 15.20
C ARG C 34 -28.61 35.52 15.63
N LEU C 35 -28.48 34.38 14.97
CA LEU C 35 -29.35 33.24 15.24
C LEU C 35 -28.53 31.96 15.12
N PRO C 36 -27.88 31.55 16.21
CA PRO C 36 -27.00 30.36 16.13
C PRO C 36 -27.72 29.10 15.68
N GLU C 37 -29.00 28.95 16.02
CA GLU C 37 -29.73 27.77 15.56
C GLU C 37 -29.82 27.76 14.03
N ASP C 38 -29.98 28.93 13.41
CA ASP C 38 -30.03 28.98 11.96
C ASP C 38 -28.64 28.73 11.35
N GLN C 39 -27.60 29.24 12.01
CA GLN C 39 -26.23 28.95 11.58
CA GLN C 39 -26.24 28.96 11.57
C GLN C 39 -25.98 27.46 11.53
N ALA C 40 -26.35 26.75 12.60
CA ALA C 40 -26.12 25.31 12.67
C ALA C 40 -26.88 24.59 11.57
N ARG C 41 -28.14 24.95 11.35
CA ARG C 41 -28.94 24.36 10.28
C ARG C 41 -28.31 24.64 8.91
N PHE C 42 -27.94 25.88 8.66
CA PHE C 42 -27.32 26.20 7.38
C PHE C 42 -26.08 25.35 7.15
N LYS C 43 -25.22 25.24 8.16
CA LYS C 43 -24.01 24.46 8.02
C LYS C 43 -24.34 22.98 7.79
N ARG C 44 -25.29 22.45 8.57
CA ARG C 44 -25.63 21.03 8.45
C ARG C 44 -26.17 20.70 7.06
N ILE C 45 -27.06 21.54 6.54
CA ILE C 45 -27.69 21.25 5.25
C ILE C 45 -26.70 21.37 4.11
N THR C 46 -25.84 22.41 4.12
CA THR C 46 -24.98 22.63 2.97
C THR C 46 -23.67 21.83 3.01
N MET C 47 -23.30 21.26 4.16
CA MET C 47 -21.99 20.64 4.28
C MET C 47 -21.80 19.57 3.21
N GLY C 48 -20.62 19.57 2.58
CA GLY C 48 -20.29 18.62 1.53
C GLY C 48 -20.83 18.96 0.15
N HIS C 49 -21.65 19.99 0.02
CA HIS C 49 -22.23 20.41 -1.25
C HIS C 49 -21.52 21.66 -1.75
N THR C 50 -21.55 21.84 -3.07
CA THR C 50 -21.21 23.12 -3.66
C THR C 50 -22.13 24.18 -3.09
N VAL C 51 -21.56 25.32 -2.71
CA VAL C 51 -22.36 26.47 -2.31
C VAL C 51 -22.07 27.58 -3.32
N ILE C 52 -23.15 28.17 -3.85
CA ILE C 52 -23.08 29.20 -4.88
C ILE C 52 -23.51 30.52 -4.27
N MET C 53 -22.71 31.57 -4.45
CA MET C 53 -23.05 32.83 -3.80
C MET C 53 -22.68 34.02 -4.70
N GLY C 54 -23.33 35.15 -4.43
CA GLY C 54 -22.95 36.38 -5.07
C GLY C 54 -21.68 36.96 -4.46
N ARG C 55 -21.06 37.86 -5.23
CA ARG C 55 -19.79 38.45 -4.79
C ARG C 55 -19.96 39.20 -3.48
N LYS C 56 -21.08 39.94 -3.32
CA LYS C 56 -21.27 40.70 -2.09
C LYS C 56 -21.44 39.78 -0.89
N THR C 57 -22.09 38.61 -1.07
CA THR C 57 -22.21 37.67 0.04
C THR C 57 -20.85 37.07 0.40
N TRP C 58 -20.03 36.74 -0.60
CA TRP C 58 -18.67 36.30 -0.32
C TRP C 58 -17.95 37.29 0.58
N GLU C 59 -18.00 38.58 0.21
CA GLU C 59 -17.34 39.59 1.02
C GLU C 59 -18.01 39.77 2.37
N SER C 60 -19.30 39.41 2.49
CA SER C 60 -20.01 39.51 3.76
C SER C 60 -19.69 38.37 4.72
N LEU C 61 -19.04 37.30 4.25
CA LEU C 61 -18.72 36.18 5.14
C LEU C 61 -17.75 36.63 6.22
N PRO C 62 -17.98 36.25 7.48
CA PRO C 62 -16.95 36.47 8.49
C PRO C 62 -15.66 35.81 8.05
N GLY C 63 -14.53 36.48 8.30
CA GLY C 63 -13.25 36.02 7.80
C GLY C 63 -12.90 34.61 8.26
N SER C 64 -13.37 34.21 9.44
CA SER C 64 -13.06 32.88 9.93
C SER C 64 -13.77 31.78 9.14
N VAL C 65 -14.81 32.11 8.37
CA VAL C 65 -15.50 31.11 7.55
C VAL C 65 -15.55 31.57 6.09
N ARG C 66 -14.51 32.23 5.64
CA ARG C 66 -14.40 32.61 4.23
C ARG C 66 -13.10 32.02 3.68
N PRO C 67 -13.12 31.00 2.82
CA PRO C 67 -14.31 30.34 2.27
C PRO C 67 -15.05 29.53 3.32
N LEU C 68 -16.31 29.18 3.04
CA LEU C 68 -17.04 28.32 3.95
C LEU C 68 -16.38 26.95 4.01
N PRO C 69 -16.01 26.45 5.19
CA PRO C 69 -15.20 25.22 5.25
C PRO C 69 -16.02 24.00 4.88
N GLY C 70 -15.32 23.02 4.29
CA GLY C 70 -15.94 21.75 3.95
C GLY C 70 -16.87 21.76 2.77
N ARG C 71 -16.94 22.86 2.03
CA ARG C 71 -17.83 23.01 0.88
C ARG C 71 -17.06 23.71 -0.24
N PRO C 72 -17.19 23.26 -1.50
CA PRO C 72 -16.67 24.06 -2.62
C PRO C 72 -17.44 25.36 -2.75
N ASN C 73 -16.72 26.47 -2.69
CA ASN C 73 -17.32 27.81 -2.79
C ASN C 73 -17.22 28.30 -4.23
N ILE C 74 -18.35 28.74 -4.77
CA ILE C 74 -18.41 29.35 -6.10
C ILE C 74 -19.01 30.74 -5.93
N VAL C 75 -18.37 31.75 -6.51
CA VAL C 75 -18.75 33.14 -6.35
C VAL C 75 -19.07 33.71 -7.73
N LEU C 76 -20.27 34.25 -7.90
CA LEU C 76 -20.63 34.92 -9.15
C LEU C 76 -20.19 36.37 -9.12
N THR C 77 -19.52 36.80 -10.19
CA THR C 77 -19.15 38.20 -10.35
C THR C 77 -19.13 38.51 -11.83
N ARG C 78 -19.35 39.77 -12.17
CA ARG C 78 -19.08 40.24 -13.52
C ARG C 78 -17.69 40.84 -13.64
N ASP C 79 -16.92 40.80 -12.57
CA ASP C 79 -15.56 41.33 -12.52
C ASP C 79 -14.58 40.22 -12.89
N ALA C 80 -14.04 40.28 -14.11
CA ALA C 80 -13.10 39.28 -14.58
C ALA C 80 -11.80 39.26 -13.79
N LEU C 81 -11.50 40.31 -13.02
CA LEU C 81 -10.26 40.33 -12.25
C LEU C 81 -10.48 39.97 -10.79
N PHE C 82 -11.66 39.53 -10.43
CA PHE C 82 -11.91 39.11 -9.06
C PHE C 82 -11.44 37.67 -8.92
N GLU C 83 -10.49 37.43 -8.02
CA GLU C 83 -9.86 36.12 -7.84
C GLU C 83 -9.93 35.78 -6.36
N PRO C 84 -11.07 35.25 -5.90
CA PRO C 84 -11.20 34.90 -4.48
C PRO C 84 -10.37 33.67 -4.13
N ASP C 85 -9.39 33.86 -3.26
CA ASP C 85 -8.56 32.74 -2.82
C ASP C 85 -9.42 31.79 -2.00
N GLY C 86 -9.46 30.53 -2.41
CA GLY C 86 -10.23 29.51 -1.76
C GLY C 86 -11.62 29.35 -2.29
N ALA C 87 -11.97 30.07 -3.36
CA ALA C 87 -13.24 29.93 -4.03
C ALA C 87 -12.99 30.04 -5.52
N LEU C 88 -13.98 29.62 -6.30
CA LEU C 88 -13.93 29.75 -7.76
C LEU C 88 -14.84 30.90 -8.17
N ALA C 89 -14.29 31.84 -8.93
CA ALA C 89 -15.10 32.94 -9.47
C ALA C 89 -15.66 32.53 -10.82
N VAL C 90 -16.96 32.74 -11.00
CA VAL C 90 -17.61 32.45 -12.28
C VAL C 90 -18.42 33.67 -12.67
N GLY C 91 -18.73 33.75 -13.96
CA GLY C 91 -19.40 34.93 -14.51
C GLY C 91 -20.87 34.77 -14.85
N SER C 92 -21.46 33.61 -14.54
CA SER C 92 -22.84 33.36 -14.91
C SER C 92 -23.40 32.19 -14.11
N ALA C 93 -24.73 32.08 -14.12
CA ALA C 93 -25.36 30.93 -13.49
C ALA C 93 -24.97 29.63 -14.20
N ASP C 94 -24.93 29.64 -15.54
CA ASP C 94 -24.54 28.45 -16.28
C ASP C 94 -23.13 28.02 -15.90
N ALA C 95 -22.18 28.96 -15.86
CA ALA C 95 -20.82 28.63 -15.47
C ALA C 95 -20.78 28.14 -14.02
N ALA C 96 -21.62 28.70 -13.16
CA ALA C 96 -21.70 28.22 -11.78
C ALA C 96 -22.19 26.78 -11.74
N LEU C 97 -23.25 26.46 -12.48
CA LEU C 97 -23.77 25.10 -12.44
C LEU C 97 -22.82 24.14 -13.12
N ALA C 98 -22.11 24.57 -14.17
CA ALA C 98 -21.16 23.71 -14.83
C ALA C 98 -20.05 23.27 -13.89
N ALA C 99 -19.72 24.09 -12.90
CA ALA C 99 -18.69 23.73 -11.95
C ALA C 99 -19.24 23.08 -10.68
N SER C 100 -20.55 22.88 -10.58
CA SER C 100 -21.13 22.40 -9.33
C SER C 100 -21.22 20.88 -9.28
N ASP C 101 -21.40 20.36 -8.07
CA ASP C 101 -21.69 18.95 -7.86
C ASP C 101 -23.16 18.70 -8.22
N GLU C 102 -23.67 17.50 -7.87
CA GLU C 102 -25.01 17.08 -8.27
C GLU C 102 -26.12 17.76 -7.48
N ALA C 103 -25.82 18.38 -6.35
CA ALA C 103 -26.83 18.98 -5.48
C ALA C 103 -26.30 20.26 -4.86
N PRO C 104 -26.10 21.30 -5.67
CA PRO C 104 -25.57 22.55 -5.11
C PRO C 104 -26.62 23.31 -4.32
N TRP C 105 -26.14 24.12 -3.38
CA TRP C 105 -26.99 25.04 -2.62
C TRP C 105 -26.61 26.47 -2.96
N VAL C 106 -27.62 27.26 -3.34
CA VAL C 106 -27.47 28.69 -3.59
C VAL C 106 -27.72 29.41 -2.27
N ILE C 107 -26.71 30.15 -1.79
CA ILE C 107 -26.72 30.62 -0.41
C ILE C 107 -26.80 32.14 -0.28
N GLY C 108 -27.18 32.84 -1.34
CA GLY C 108 -27.39 34.28 -1.32
C GLY C 108 -26.39 35.01 -2.20
N GLY C 109 -26.62 36.32 -2.34
CA GLY C 109 -27.67 37.02 -1.60
C GLY C 109 -28.90 37.30 -2.42
N GLY C 110 -29.48 38.50 -2.25
CA GLY C 110 -30.75 38.82 -2.89
C GLY C 110 -30.70 38.69 -4.41
N GLU C 111 -29.65 39.24 -5.03
CA GLU C 111 -29.53 39.15 -6.48
C GLU C 111 -29.37 37.70 -6.93
N ILE C 112 -28.51 36.94 -6.27
CA ILE C 112 -28.25 35.58 -6.73
C ILE C 112 -29.45 34.66 -6.46
N TYR C 113 -30.19 34.87 -5.38
CA TYR C 113 -31.45 34.13 -5.18
C TYR C 113 -32.37 34.30 -6.37
N ARG C 114 -32.58 35.55 -6.80
CA ARG C 114 -33.48 35.82 -7.92
C ARG C 114 -32.96 35.22 -9.22
N LEU C 115 -31.65 35.14 -9.38
CA LEU C 115 -31.08 34.54 -10.57
C LEU C 115 -31.33 33.03 -10.62
N PHE C 116 -31.21 32.34 -9.49
CA PHE C 116 -31.33 30.90 -9.52
C PHE C 116 -32.73 30.37 -9.20
N LEU C 117 -33.62 31.19 -8.64
CA LEU C 117 -34.94 30.68 -8.27
C LEU C 117 -35.68 29.94 -9.39
N PRO C 118 -35.71 30.41 -10.65
CA PRO C 118 -36.43 29.65 -11.68
C PRO C 118 -35.88 28.25 -11.92
N LEU C 119 -34.64 27.97 -11.52
CA LEU C 119 -34.04 26.66 -11.71
C LEU C 119 -34.15 25.74 -10.49
N ALA C 120 -34.62 26.26 -9.34
CA ALA C 120 -34.55 25.52 -8.09
C ALA C 120 -35.73 24.56 -7.93
N GLN C 121 -35.47 23.47 -7.20
CA GLN C 121 -36.50 22.51 -6.82
C GLN C 121 -36.78 22.52 -5.33
N ARG C 122 -35.92 23.12 -4.50
CA ARG C 122 -36.23 23.21 -3.09
C ARG C 122 -35.70 24.52 -2.53
N CYS C 123 -36.44 25.07 -1.57
CA CYS C 123 -35.99 26.23 -0.81
C CYS C 123 -36.08 25.87 0.66
N GLU C 124 -34.96 26.01 1.35
CA GLU C 124 -34.91 25.81 2.79
C GLU C 124 -34.87 27.18 3.44
N VAL C 125 -35.95 27.55 4.10
CA VAL C 125 -36.16 28.92 4.55
C VAL C 125 -36.21 28.96 6.06
N THR C 126 -35.54 29.93 6.62
CA THR C 126 -35.72 30.31 8.01
C THR C 126 -36.44 31.64 8.06
N VAL C 127 -37.53 31.70 8.80
CA VAL C 127 -38.25 32.95 9.02
C VAL C 127 -37.95 33.42 10.44
N VAL C 128 -37.55 34.67 10.57
CA VAL C 128 -37.14 35.25 11.84
C VAL C 128 -38.15 36.32 12.23
N GLU C 129 -38.61 36.27 13.48
CA GLU C 129 -39.52 37.28 14.02
C GLU C 129 -38.67 38.47 14.44
N ALA C 130 -38.37 39.37 13.51
CA ALA C 130 -37.55 40.52 13.82
C ALA C 130 -37.91 41.65 12.87
N ASP C 131 -38.43 42.75 13.43
CA ASP C 131 -38.81 43.92 12.64
C ASP C 131 -37.58 44.83 12.51
N VAL C 132 -36.69 44.47 11.59
CA VAL C 132 -35.52 45.29 11.27
C VAL C 132 -35.54 45.65 9.79
N PRO C 133 -35.15 46.86 9.42
CA PRO C 133 -35.12 47.23 8.00
C PRO C 133 -33.90 46.64 7.32
N GLY C 134 -33.91 46.67 5.99
CA GLY C 134 -32.78 46.15 5.25
C GLY C 134 -32.82 46.58 3.81
N ASP C 135 -31.71 46.31 3.13
CA ASP C 135 -31.55 46.70 1.74
C ASP C 135 -31.44 45.49 0.81
N ALA C 136 -31.51 44.27 1.34
CA ALA C 136 -31.52 43.06 0.53
C ALA C 136 -32.71 42.21 0.95
N LEU C 137 -33.42 41.66 -0.02
CA LEU C 137 -34.68 40.98 0.23
C LEU C 137 -34.62 39.54 -0.25
N ALA C 138 -35.39 38.68 0.42
CA ALA C 138 -35.56 37.32 -0.03
C ALA C 138 -36.31 37.30 -1.36
N PRO C 139 -36.14 36.26 -2.16
CA PRO C 139 -36.93 36.16 -3.39
C PRO C 139 -38.38 35.87 -3.04
N GLU C 140 -39.26 36.28 -3.93
CA GLU C 140 -40.68 36.00 -3.76
C GLU C 140 -41.00 34.64 -4.35
N LEU C 141 -41.61 33.77 -3.54
CA LEU C 141 -42.04 32.46 -4.01
C LEU C 141 -43.45 32.59 -4.56
N GLY C 142 -43.59 32.41 -5.86
CA GLY C 142 -44.89 32.44 -6.52
C GLY C 142 -45.51 31.07 -6.64
N GLU C 143 -46.38 30.92 -7.64
CA GLU C 143 -47.11 29.67 -7.82
C GLU C 143 -46.14 28.52 -8.05
N GLY C 144 -46.50 27.34 -7.54
CA GLY C 144 -45.72 26.15 -7.82
C GLY C 144 -44.98 25.56 -6.64
N TRP C 145 -45.01 26.18 -5.47
CA TRP C 145 -44.27 25.67 -4.31
C TRP C 145 -45.28 25.25 -3.26
N VAL C 146 -44.93 24.19 -2.53
CA VAL C 146 -45.76 23.73 -1.43
C VAL C 146 -44.87 23.61 -0.20
N VAL C 147 -45.45 23.91 0.96
CA VAL C 147 -44.69 23.88 2.20
C VAL C 147 -45.63 23.44 3.32
N GLU C 148 -45.09 22.60 4.21
CA GLU C 148 -45.79 22.27 5.44
C GLU C 148 -45.28 23.20 6.54
N THR C 149 -46.20 23.70 7.35
CA THR C 149 -45.79 24.63 8.38
C THR C 149 -45.08 23.89 9.51
N ASN C 150 -44.27 24.64 10.26
CA ASN C 150 -43.63 24.14 11.46
C ASN C 150 -43.92 25.09 12.61
N ASP C 151 -43.74 24.59 13.83
CA ASP C 151 -43.90 25.42 15.02
C ASP C 151 -42.85 26.50 15.05
N TRP C 152 -43.25 27.67 15.53
CA TRP C 152 -42.28 28.71 15.84
C TRP C 152 -41.53 28.31 17.09
N GLN C 153 -40.23 28.57 17.10
CA GLN C 153 -39.42 28.24 18.26
C GLN C 153 -38.76 29.51 18.77
N THR C 154 -38.29 29.43 20.00
CA THR C 154 -37.61 30.54 20.64
C THR C 154 -36.15 30.16 20.81
N SER C 155 -35.27 30.95 20.22
CA SER C 155 -33.84 30.74 20.38
CA SER C 155 -33.83 30.78 20.37
C SER C 155 -33.41 31.14 21.79
N GLU C 156 -32.14 30.86 22.09
CA GLU C 156 -31.63 31.23 23.40
C GLU C 156 -31.70 32.72 23.63
N SER C 157 -31.49 33.52 22.58
CA SER C 157 -31.57 34.96 22.68
C SER C 157 -33.00 35.47 22.90
N GLY C 158 -34.01 34.63 22.69
CA GLY C 158 -35.38 35.08 22.73
C GLY C 158 -35.94 35.39 21.36
N LEU C 159 -35.06 35.41 20.35
CA LEU C 159 -35.50 35.60 18.98
C LEU C 159 -36.32 34.39 18.54
N ARG C 160 -37.54 34.63 18.09
CA ARG C 160 -38.37 33.55 17.58
C ARG C 160 -38.13 33.33 16.09
N TYR C 161 -38.19 32.07 15.67
CA TYR C 161 -37.89 31.70 14.30
C TYR C 161 -38.68 30.46 13.91
N GLN C 162 -38.76 30.21 12.61
CA GLN C 162 -39.48 29.06 12.07
C GLN C 162 -38.67 28.50 10.89
N PHE C 163 -38.56 27.18 10.83
CA PHE C 163 -37.92 26.53 9.68
C PHE C 163 -38.99 26.03 8.73
N LEU C 164 -38.81 26.30 7.44
CA LEU C 164 -39.73 25.86 6.39
C LEU C 164 -38.97 25.22 5.26
N SER C 165 -39.51 24.12 4.74
CA SER C 165 -38.93 23.37 3.62
CA SER C 165 -38.93 23.37 3.62
C SER C 165 -39.91 23.44 2.46
N TYR C 166 -39.63 24.31 1.48
CA TYR C 166 -40.45 24.45 0.29
C TYR C 166 -40.00 23.49 -0.80
N ARG C 167 -40.97 22.86 -1.47
CA ARG C 167 -40.70 21.98 -2.59
C ARG C 167 -41.55 22.37 -3.79
N LYS C 168 -40.99 22.18 -4.98
CA LYS C 168 -41.73 22.45 -6.21
C LYS C 168 -42.78 21.35 -6.42
N VAL C 169 -44.00 21.74 -6.80
CA VAL C 169 -45.05 20.75 -7.08
C VAL C 169 -44.75 20.00 -8.39
N THR D 12 16.15 -9.72 -2.69
CA THR D 12 17.54 -9.49 -2.29
C THR D 12 17.65 -9.27 -0.79
N ILE D 13 18.20 -10.25 -0.10
CA ILE D 13 18.32 -10.20 1.35
C ILE D 13 19.64 -9.56 1.71
N GLY D 14 19.58 -8.49 2.51
CA GLY D 14 20.77 -7.82 3.00
C GLY D 14 20.89 -7.96 4.51
N LEU D 15 22.14 -8.00 4.98
CA LEU D 15 22.50 -7.90 6.38
C LEU D 15 23.23 -6.58 6.59
N ILE D 16 22.98 -5.94 7.73
CA ILE D 16 23.63 -4.68 8.05
C ILE D 16 23.99 -4.70 9.52
N TRP D 17 25.25 -4.39 9.84
CA TRP D 17 25.70 -4.41 11.23
C TRP D 17 26.90 -3.49 11.39
N ALA D 18 27.20 -3.15 12.64
CA ALA D 18 28.41 -2.43 13.01
C ALA D 18 29.17 -3.27 14.03
N GLN D 19 30.48 -3.42 13.82
CA GLN D 19 31.31 -4.26 14.69
C GLN D 19 32.60 -3.53 15.03
N THR D 20 33.17 -3.86 16.19
CA THR D 20 34.56 -3.47 16.40
C THR D 20 35.45 -4.30 15.47
N ARG D 21 36.69 -3.85 15.33
CA ARG D 21 37.59 -4.58 14.45
C ARG D 21 37.72 -6.04 14.86
N ALA D 22 37.62 -6.33 16.15
CA ALA D 22 37.70 -7.71 16.64
C ALA D 22 36.38 -8.47 16.54
N GLY D 23 35.32 -7.84 16.03
CA GLY D 23 34.08 -8.55 15.77
C GLY D 23 32.97 -8.36 16.79
N VAL D 24 33.18 -7.57 17.85
CA VAL D 24 32.14 -7.37 18.85
C VAL D 24 31.03 -6.49 18.29
N ILE D 25 29.78 -6.89 18.49
CA ILE D 25 28.64 -6.08 18.11
C ILE D 25 27.76 -5.67 19.30
N GLY D 26 27.85 -6.33 20.43
CA GLY D 26 26.99 -6.02 21.57
C GLY D 26 27.56 -6.48 22.89
N ALA D 27 27.08 -5.85 23.96
CA ALA D 27 27.45 -6.20 25.32
C ALA D 27 26.25 -5.84 26.20
N ASP D 28 25.80 -6.82 26.99
CA ASP D 28 24.69 -6.63 27.93
C ASP D 28 23.44 -6.07 27.26
N GLY D 29 23.13 -6.59 26.09
CA GLY D 29 21.90 -6.20 25.43
C GLY D 29 21.90 -4.81 24.81
N ALA D 30 23.07 -4.20 24.63
CA ALA D 30 23.19 -2.88 24.03
C ALA D 30 24.42 -2.88 23.14
N ILE D 31 24.58 -1.80 22.38
CA ILE D 31 25.76 -1.60 21.54
C ILE D 31 26.74 -0.75 22.33
N PRO D 32 27.98 -1.23 22.61
CA PRO D 32 28.84 -0.52 23.56
C PRO D 32 29.65 0.63 22.98
N TRP D 33 29.05 1.43 22.09
CA TRP D 33 29.69 2.64 21.61
C TRP D 33 28.63 3.56 21.03
N ARG D 34 29.04 4.80 20.77
CA ARG D 34 28.17 5.79 20.15
C ARG D 34 28.82 6.24 18.84
N LEU D 35 28.08 6.12 17.74
CA LEU D 35 28.61 6.45 16.42
C LEU D 35 27.46 7.02 15.60
N PRO D 36 27.24 8.34 15.70
CA PRO D 36 26.07 8.95 15.05
C PRO D 36 26.05 8.77 13.55
N GLU D 37 27.22 8.77 12.91
CA GLU D 37 27.28 8.62 11.45
C GLU D 37 26.80 7.24 11.03
N ASP D 38 27.04 6.23 11.85
CA ASP D 38 26.56 4.89 11.54
C ASP D 38 25.04 4.80 11.74
N GLN D 39 24.54 5.44 12.79
CA GLN D 39 23.10 5.51 13.01
C GLN D 39 22.40 6.16 11.82
N ALA D 40 22.99 7.24 11.29
CA ALA D 40 22.45 7.88 10.10
C ALA D 40 22.57 6.98 8.87
N ARG D 41 23.72 6.32 8.69
CA ARG D 41 23.86 5.43 7.54
C ARG D 41 22.85 4.28 7.63
N PHE D 42 22.75 3.66 8.80
CA PHE D 42 21.81 2.57 9.00
C PHE D 42 20.38 3.01 8.64
N LYS D 43 19.96 4.18 9.12
CA LYS D 43 18.60 4.65 8.86
C LYS D 43 18.37 4.88 7.37
N ARG D 44 19.35 5.48 6.69
CA ARG D 44 19.20 5.79 5.27
C ARG D 44 19.09 4.51 4.43
N ILE D 45 19.95 3.53 4.72
CA ILE D 45 19.92 2.30 3.94
C ILE D 45 18.63 1.53 4.17
N THR D 46 18.16 1.47 5.41
CA THR D 46 17.00 0.62 5.69
C THR D 46 15.66 1.33 5.49
N MET D 47 15.64 2.66 5.34
CA MET D 47 14.38 3.40 5.33
C MET D 47 13.46 2.88 4.23
N GLY D 48 12.19 2.66 4.59
CA GLY D 48 11.20 2.16 3.65
C GLY D 48 11.23 0.67 3.42
N HIS D 49 12.21 -0.05 3.96
CA HIS D 49 12.32 -1.48 3.76
C HIS D 49 11.88 -2.22 5.01
N THR D 50 11.46 -3.47 4.82
CA THR D 50 11.28 -4.39 5.93
C THR D 50 12.61 -4.55 6.68
N VAL D 51 12.56 -4.49 8.01
CA VAL D 51 13.71 -4.80 8.85
C VAL D 51 13.36 -6.00 9.71
N ILE D 52 14.25 -6.99 9.69
CA ILE D 52 14.08 -8.26 10.39
C ILE D 52 15.10 -8.32 11.50
N MET D 53 14.66 -8.63 12.72
CA MET D 53 15.55 -8.65 13.88
C MET D 53 15.14 -9.77 14.83
N GLY D 54 16.11 -10.21 15.61
CA GLY D 54 15.82 -11.14 16.68
C GLY D 54 15.19 -10.44 17.86
N ARG D 55 14.56 -11.24 18.72
CA ARG D 55 13.83 -10.70 19.86
C ARG D 55 14.71 -9.83 20.76
N LYS D 56 15.96 -10.25 21.00
CA LYS D 56 16.81 -9.45 21.89
C LYS D 56 17.18 -8.13 21.26
N THR D 57 17.31 -8.07 19.94
CA THR D 57 17.59 -6.79 19.30
C THR D 57 16.37 -5.88 19.37
N TRP D 58 15.15 -6.43 19.20
CA TRP D 58 13.94 -5.64 19.41
C TRP D 58 13.97 -4.99 20.78
N GLU D 59 14.32 -5.77 21.81
CA GLU D 59 14.43 -5.25 23.16
C GLU D 59 15.54 -4.20 23.29
N SER D 60 16.59 -4.29 22.47
CA SER D 60 17.69 -3.33 22.57
C SER D 60 17.38 -1.98 21.93
N LEU D 61 16.30 -1.89 21.14
CA LEU D 61 15.97 -0.63 20.49
C LEU D 61 15.61 0.39 21.58
N PRO D 62 16.14 1.61 21.53
CA PRO D 62 15.64 2.65 22.43
C PRO D 62 14.16 2.82 22.18
N GLY D 63 13.40 3.06 23.25
CA GLY D 63 11.95 3.09 23.13
C GLY D 63 11.48 4.10 22.11
N SER D 64 12.24 5.18 21.92
CA SER D 64 11.87 6.21 20.96
C SER D 64 11.93 5.71 19.52
N VAL D 65 12.64 4.62 19.24
CA VAL D 65 12.69 4.07 17.89
C VAL D 65 12.31 2.59 17.91
N ARG D 66 11.39 2.21 18.80
CA ARG D 66 10.85 0.85 18.83
C ARG D 66 9.34 0.90 18.63
N PRO D 67 8.79 0.53 17.46
CA PRO D 67 9.50 0.01 16.29
C PRO D 67 10.32 1.08 15.61
N LEU D 68 11.26 0.68 14.77
CA LEU D 68 12.01 1.63 13.98
C LEU D 68 11.07 2.34 13.01
N PRO D 69 11.03 3.67 13.00
CA PRO D 69 10.02 4.38 12.21
C PRO D 69 10.26 4.31 10.71
N GLY D 70 9.17 4.35 9.95
CA GLY D 70 9.27 4.37 8.50
C GLY D 70 9.66 3.05 7.86
N ARG D 71 9.70 1.98 8.64
CA ARG D 71 10.08 0.65 8.19
C ARG D 71 9.15 -0.37 8.83
N PRO D 72 8.64 -1.35 8.07
CA PRO D 72 7.93 -2.47 8.70
C PRO D 72 8.90 -3.30 9.52
N ASN D 73 8.61 -3.46 10.80
CA ASN D 73 9.47 -4.20 11.72
C ASN D 73 8.97 -5.63 11.88
N ILE D 74 9.89 -6.60 11.73
CA ILE D 74 9.60 -8.01 11.94
C ILE D 74 10.54 -8.55 13.01
N VAL D 75 9.99 -9.29 13.98
CA VAL D 75 10.77 -9.82 15.10
C VAL D 75 10.67 -11.33 15.08
N LEU D 76 11.82 -12.01 15.06
CA LEU D 76 11.87 -13.46 15.20
C LEU D 76 11.88 -13.85 16.66
N THR D 77 10.98 -14.77 17.03
CA THR D 77 10.97 -15.30 18.38
C THR D 77 10.43 -16.72 18.30
N ARG D 78 10.86 -17.56 19.22
CA ARG D 78 10.24 -18.86 19.40
C ARG D 78 9.17 -18.82 20.49
N ASP D 79 8.93 -17.65 21.06
CA ASP D 79 7.97 -17.46 22.11
C ASP D 79 6.65 -17.09 21.45
N ALA D 80 5.75 -18.07 21.33
CA ALA D 80 4.47 -17.79 20.69
C ALA D 80 3.65 -16.78 21.48
N LEU D 81 4.01 -16.50 22.74
CA LEU D 81 3.28 -15.52 23.51
C LEU D 81 3.96 -14.15 23.57
N PHE D 82 5.07 -13.96 22.88
CA PHE D 82 5.65 -12.62 22.81
C PHE D 82 5.02 -11.85 21.65
N GLU D 83 4.40 -10.72 21.96
CA GLU D 83 3.67 -9.91 20.99
C GLU D 83 4.27 -8.52 21.04
N PRO D 84 5.32 -8.25 20.26
CA PRO D 84 5.98 -6.95 20.31
C PRO D 84 5.06 -5.83 19.84
N ASP D 85 5.01 -4.76 20.64
CA ASP D 85 4.16 -3.62 20.34
C ASP D 85 4.68 -2.89 19.10
N GLY D 86 3.91 -2.92 18.01
CA GLY D 86 4.31 -2.25 16.79
C GLY D 86 5.12 -3.05 15.79
N ALA D 87 5.27 -4.36 15.99
CA ALA D 87 6.02 -5.19 15.04
C ALA D 87 5.26 -6.48 14.83
N LEU D 88 5.66 -7.22 13.80
CA LEU D 88 5.09 -8.53 13.51
C LEU D 88 6.03 -9.57 14.09
N ALA D 89 5.52 -10.45 14.95
CA ALA D 89 6.33 -11.56 15.47
C ALA D 89 6.13 -12.76 14.56
N VAL D 90 7.24 -13.41 14.19
CA VAL D 90 7.21 -14.65 13.44
C VAL D 90 8.15 -15.64 14.10
N GLY D 91 7.95 -16.92 13.78
CA GLY D 91 8.68 -18.00 14.41
C GLY D 91 9.72 -18.65 13.54
N SER D 92 9.97 -18.15 12.33
CA SER D 92 10.93 -18.79 11.45
C SER D 92 11.42 -17.78 10.43
N ALA D 93 12.58 -18.10 9.84
CA ALA D 93 13.13 -17.26 8.79
C ALA D 93 12.21 -17.25 7.58
N ASP D 94 11.60 -18.39 7.25
CA ASP D 94 10.69 -18.46 6.10
C ASP D 94 9.52 -17.50 6.24
N ALA D 95 8.92 -17.44 7.43
CA ALA D 95 7.77 -16.56 7.63
C ALA D 95 8.20 -15.09 7.60
N ALA D 96 9.37 -14.78 8.15
CA ALA D 96 9.87 -13.41 8.11
C ALA D 96 10.08 -12.95 6.67
N LEU D 97 10.68 -13.79 5.84
CA LEU D 97 10.93 -13.41 4.46
C LEU D 97 9.65 -13.35 3.65
N ALA D 98 8.72 -14.29 3.88
CA ALA D 98 7.44 -14.27 3.18
C ALA D 98 6.65 -13.00 3.50
N ALA D 99 6.88 -12.43 4.67
CA ALA D 99 6.20 -11.21 5.08
C ALA D 99 6.97 -9.95 4.70
N SER D 100 8.11 -10.10 4.03
CA SER D 100 9.00 -8.99 3.72
C SER D 100 8.69 -8.39 2.36
N ASP D 101 9.18 -7.17 2.16
CA ASP D 101 9.17 -6.56 0.83
C ASP D 101 10.29 -7.21 0.01
N GLU D 102 10.59 -6.64 -1.15
CA GLU D 102 11.53 -7.27 -2.06
C GLU D 102 12.98 -7.14 -1.61
N ALA D 103 13.30 -6.24 -0.69
CA ALA D 103 14.69 -5.99 -0.28
C ALA D 103 14.77 -5.79 1.22
N PRO D 104 14.50 -6.83 2.00
CA PRO D 104 14.56 -6.68 3.46
C PRO D 104 16.00 -6.55 3.94
N TRP D 105 16.14 -5.95 5.12
CA TRP D 105 17.42 -5.84 5.80
C TRP D 105 17.33 -6.58 7.12
N VAL D 106 18.26 -7.50 7.33
CA VAL D 106 18.41 -8.19 8.60
C VAL D 106 19.32 -7.33 9.48
N ILE D 107 18.81 -6.88 10.63
CA ILE D 107 19.47 -5.82 11.40
C ILE D 107 20.02 -6.31 12.74
N GLY D 108 20.15 -7.62 12.95
CA GLY D 108 20.76 -8.15 14.15
C GLY D 108 19.76 -8.94 14.99
N GLY D 109 20.28 -9.56 16.06
CA GLY D 109 21.65 -9.46 16.52
C GLY D 109 22.49 -10.66 16.14
N GLY D 110 23.34 -11.12 17.07
CA GLY D 110 24.30 -12.16 16.73
C GLY D 110 23.64 -13.43 16.24
N GLU D 111 22.63 -13.91 16.97
CA GLU D 111 21.95 -15.15 16.56
C GLU D 111 21.30 -14.99 15.20
N ILE D 112 20.62 -13.86 14.98
CA ILE D 112 19.86 -13.69 13.74
C ILE D 112 20.76 -13.47 12.53
N TYR D 113 21.92 -12.83 12.71
CA TYR D 113 22.89 -12.75 11.63
C TYR D 113 23.32 -14.14 11.19
N ARG D 114 23.69 -14.99 12.15
CA ARG D 114 24.17 -16.32 11.77
C ARG D 114 23.08 -17.11 11.07
N LEU D 115 21.82 -16.89 11.47
CA LEU D 115 20.68 -17.56 10.85
C LEU D 115 20.49 -17.12 9.40
N PHE D 116 20.59 -15.82 9.13
CA PHE D 116 20.29 -15.32 7.80
C PHE D 116 21.48 -15.19 6.86
N LEU D 117 22.71 -15.22 7.38
CA LEU D 117 23.87 -15.05 6.50
C LEU D 117 23.90 -16.00 5.31
N PRO D 118 23.59 -17.28 5.42
CA PRO D 118 23.60 -18.12 4.21
C PRO D 118 22.61 -17.68 3.17
N LEU D 119 21.59 -16.92 3.55
CA LEU D 119 20.59 -16.48 2.61
C LEU D 119 20.90 -15.11 2.04
N ALA D 120 21.92 -14.45 2.56
CA ALA D 120 22.16 -13.06 2.26
C ALA D 120 22.85 -12.90 0.91
N GLN D 121 22.61 -11.75 0.30
CA GLN D 121 23.27 -11.41 -0.94
CA GLN D 121 23.22 -11.38 -0.96
C GLN D 121 24.08 -10.12 -0.83
N ARG D 122 23.96 -9.38 0.27
CA ARG D 122 24.83 -8.23 0.46
C ARG D 122 24.92 -7.95 1.95
N CYS D 123 26.08 -7.46 2.37
CA CYS D 123 26.30 -7.11 3.77
C CYS D 123 26.81 -5.68 3.81
N GLU D 124 26.14 -4.82 4.54
CA GLU D 124 26.59 -3.46 4.75
C GLU D 124 27.20 -3.41 6.15
N VAL D 125 28.51 -3.24 6.23
CA VAL D 125 29.24 -3.42 7.47
C VAL D 125 29.88 -2.09 7.85
N THR D 126 29.76 -1.73 9.11
CA THR D 126 30.51 -0.63 9.69
C THR D 126 31.58 -1.23 10.59
N VAL D 127 32.83 -0.86 10.37
CA VAL D 127 33.91 -1.29 11.25
C VAL D 127 34.30 -0.11 12.13
N VAL D 128 34.32 -0.34 13.43
CA VAL D 128 34.62 0.69 14.42
C VAL D 128 35.95 0.35 15.07
N GLU D 129 36.81 1.35 15.22
CA GLU D 129 38.06 1.25 15.97
C GLU D 129 37.77 1.49 17.45
N ALA D 130 37.41 0.42 18.15
CA ALA D 130 37.04 0.52 19.56
C ALA D 130 37.39 -0.79 20.22
N ASP D 131 38.31 -0.76 21.18
CA ASP D 131 38.71 -1.93 21.93
C ASP D 131 37.75 -2.09 23.11
N VAL D 132 36.58 -2.65 22.84
CA VAL D 132 35.60 -2.82 23.90
CA VAL D 132 35.55 -2.80 23.87
C VAL D 132 35.12 -4.26 23.90
N PRO D 133 34.96 -4.88 25.07
CA PRO D 133 34.53 -6.27 25.09
C PRO D 133 33.02 -6.37 24.89
N GLY D 134 32.59 -7.59 24.59
CA GLY D 134 31.17 -7.81 24.40
C GLY D 134 30.87 -9.29 24.41
N ASP D 135 29.58 -9.59 24.41
CA ASP D 135 29.06 -10.94 24.47
C ASP D 135 28.32 -11.33 23.21
N ALA D 136 28.21 -10.42 22.23
CA ALA D 136 27.59 -10.70 20.95
C ALA D 136 28.56 -10.32 19.84
N LEU D 137 28.71 -11.20 18.85
CA LEU D 137 29.71 -11.07 17.82
C LEU D 137 29.06 -10.98 16.45
N ALA D 138 29.73 -10.28 15.53
CA ALA D 138 29.30 -10.22 14.14
C ALA D 138 29.46 -11.59 13.50
N PRO D 139 28.71 -11.87 12.43
CA PRO D 139 28.97 -13.11 11.69
C PRO D 139 30.31 -13.00 10.98
N GLU D 140 30.94 -14.15 10.83
CA GLU D 140 32.22 -14.24 10.16
C GLU D 140 31.98 -14.38 8.67
N LEU D 141 32.57 -13.49 7.88
CA LEU D 141 32.45 -13.56 6.44
C LEU D 141 33.60 -14.38 5.89
N GLY D 142 33.28 -15.54 5.35
CA GLY D 142 34.26 -16.37 4.67
C GLY D 142 34.25 -16.10 3.18
N GLU D 143 34.66 -17.12 2.44
CA GLU D 143 34.75 -17.01 0.98
C GLU D 143 33.39 -16.70 0.35
N GLY D 144 33.42 -16.01 -0.77
CA GLY D 144 32.23 -15.77 -1.58
C GLY D 144 31.85 -14.31 -1.72
N TRP D 145 32.55 -13.39 -1.05
CA TRP D 145 32.20 -11.99 -1.03
C TRP D 145 33.32 -11.17 -1.63
N VAL D 146 32.95 -10.03 -2.24
CA VAL D 146 33.91 -9.05 -2.73
C VAL D 146 33.52 -7.68 -2.18
N VAL D 147 34.52 -6.87 -1.80
CA VAL D 147 34.27 -5.56 -1.20
C VAL D 147 35.33 -4.58 -1.69
N GLU D 148 34.89 -3.34 -1.94
CA GLU D 148 35.82 -2.25 -2.21
C GLU D 148 36.07 -1.50 -0.90
N THR D 149 37.34 -1.18 -0.64
CA THR D 149 37.69 -0.51 0.61
C THR D 149 37.21 0.94 0.57
N ASN D 150 37.03 1.53 1.74
CA ASN D 150 36.71 2.94 1.88
C ASN D 150 37.68 3.60 2.84
N ASP D 151 37.77 4.93 2.76
CA ASP D 151 38.61 5.67 3.69
C ASP D 151 38.06 5.57 5.11
N TRP D 152 38.96 5.49 6.07
CA TRP D 152 38.56 5.61 7.46
C TRP D 152 38.22 7.06 7.77
N GLN D 153 37.20 7.25 8.59
CA GLN D 153 36.78 8.58 8.99
C GLN D 153 36.78 8.67 10.50
N THR D 154 36.69 9.89 11.01
CA THR D 154 36.62 10.16 12.44
C THR D 154 35.25 10.72 12.78
N SER D 155 34.59 10.07 13.73
CA SER D 155 33.25 10.44 14.15
C SER D 155 33.29 11.67 15.05
N GLU D 156 32.13 12.33 15.13
CA GLU D 156 31.88 13.33 16.16
C GLU D 156 32.19 12.79 17.55
N SER D 157 31.92 11.50 17.79
CA SER D 157 32.24 10.87 19.06
C SER D 157 33.73 10.69 19.29
N GLY D 158 34.56 10.87 18.25
CA GLY D 158 35.99 10.68 18.30
C GLY D 158 36.45 9.30 17.82
N LEU D 159 35.53 8.34 17.72
CA LEU D 159 35.87 7.01 17.22
C LEU D 159 36.12 7.04 15.73
N ARG D 160 37.12 6.27 15.28
CA ARG D 160 37.35 6.11 13.85
CA ARG D 160 37.35 6.11 13.85
C ARG D 160 36.58 4.90 13.33
N TYR D 161 36.12 5.00 12.09
CA TYR D 161 35.22 3.98 11.57
C TYR D 161 35.35 3.92 10.06
N GLN D 162 34.82 2.83 9.48
CA GLN D 162 34.88 2.59 8.05
C GLN D 162 33.60 1.90 7.61
N PHE D 163 33.03 2.33 6.47
CA PHE D 163 31.88 1.68 5.86
C PHE D 163 32.34 0.75 4.74
N LEU D 164 31.82 -0.49 4.73
CA LEU D 164 32.15 -1.52 3.74
C LEU D 164 30.87 -2.13 3.20
N SER D 165 30.82 -2.29 1.88
N SER D 165 30.81 -2.29 1.87
CA SER D 165 29.63 -2.83 1.20
CA SER D 165 29.63 -2.83 1.20
C SER D 165 30.04 -4.13 0.53
C SER D 165 30.03 -4.12 0.52
N TYR D 166 29.70 -5.26 1.16
CA TYR D 166 30.06 -6.57 0.64
C TYR D 166 29.00 -7.04 -0.35
N ARG D 167 29.44 -7.57 -1.49
CA ARG D 167 28.59 -8.15 -2.51
C ARG D 167 29.09 -9.54 -2.86
N LYS D 168 28.21 -10.37 -3.40
CA LYS D 168 28.55 -11.71 -3.83
C LYS D 168 29.51 -11.66 -5.02
N VAL D 169 30.47 -12.59 -5.05
CA VAL D 169 31.43 -12.61 -6.16
C VAL D 169 30.71 -12.89 -7.48
N ASP D 170 29.63 -13.67 -7.45
CA ASP D 170 28.87 -13.90 -8.67
C ASP D 170 27.36 -13.79 -8.46
N GLY E 11 22.06 -17.39 -20.21
CA GLY E 11 22.27 -18.05 -18.93
C GLY E 11 23.66 -18.60 -18.68
N THR E 12 23.98 -18.86 -17.42
CA THR E 12 25.25 -19.47 -17.02
C THR E 12 24.95 -20.72 -16.20
N ILE E 13 25.23 -21.88 -16.78
CA ILE E 13 24.95 -23.15 -16.14
C ILE E 13 26.16 -23.59 -15.33
N GLY E 14 25.94 -23.86 -14.04
CA GLY E 14 26.99 -24.37 -13.17
C GLY E 14 26.67 -25.76 -12.65
N LEU E 15 27.74 -26.54 -12.46
CA LEU E 15 27.69 -27.81 -11.74
C LEU E 15 28.45 -27.65 -10.43
N ILE E 16 27.94 -28.27 -9.37
CA ILE E 16 28.63 -28.24 -8.09
C ILE E 16 28.56 -29.65 -7.50
N TRP E 17 29.71 -30.18 -7.06
CA TRP E 17 29.76 -31.53 -6.54
C TRP E 17 30.96 -31.69 -5.61
N ALA E 18 30.89 -32.76 -4.80
CA ALA E 18 32.00 -33.20 -3.95
C ALA E 18 32.38 -34.63 -4.31
N GLN E 19 33.67 -34.87 -4.50
CA GLN E 19 34.15 -36.18 -4.90
C GLN E 19 35.41 -36.55 -4.11
N THR E 20 35.64 -37.84 -3.97
CA THR E 20 36.96 -38.27 -3.58
C THR E 20 37.93 -38.00 -4.73
N ARG E 21 39.23 -38.19 -4.46
CA ARG E 21 40.21 -38.01 -5.51
CA ARG E 21 40.21 -38.01 -5.51
C ARG E 21 40.02 -39.02 -6.63
N ALA E 22 39.42 -40.17 -6.33
CA ALA E 22 39.19 -41.18 -7.34
C ALA E 22 37.86 -41.00 -8.06
N GLY E 23 37.04 -40.02 -7.66
CA GLY E 23 35.84 -39.67 -8.40
C GLY E 23 34.54 -40.16 -7.80
N VAL E 24 34.56 -40.77 -6.61
CA VAL E 24 33.33 -41.25 -6.00
C VAL E 24 32.51 -40.08 -5.46
N ILE E 25 31.21 -40.05 -5.74
CA ILE E 25 30.34 -39.04 -5.18
C ILE E 25 29.24 -39.61 -4.28
N GLY E 26 28.89 -40.90 -4.38
CA GLY E 26 27.80 -41.43 -3.59
C GLY E 26 27.89 -42.94 -3.47
N ALA E 27 27.25 -43.45 -2.41
CA ALA E 27 27.23 -44.88 -2.11
C ALA E 27 25.94 -45.22 -1.38
N ASP E 28 25.20 -46.20 -1.91
CA ASP E 28 23.95 -46.69 -1.31
C ASP E 28 22.97 -45.53 -1.08
N GLY E 29 22.88 -44.64 -2.06
CA GLY E 29 21.91 -43.56 -2.01
C GLY E 29 22.25 -42.44 -1.07
N ALA E 30 23.50 -42.31 -0.64
CA ALA E 30 23.91 -41.23 0.24
C ALA E 30 25.33 -40.81 -0.16
N ILE E 31 25.80 -39.73 0.44
CA ILE E 31 27.17 -39.27 0.26
C ILE E 31 28.01 -39.88 1.37
N PRO E 32 29.05 -40.67 1.04
CA PRO E 32 29.68 -41.51 2.06
C PRO E 32 30.75 -40.83 2.90
N TRP E 33 30.54 -39.57 3.27
CA TRP E 33 31.42 -38.86 4.18
C TRP E 33 30.64 -37.70 4.77
N ARG E 34 31.21 -37.09 5.81
CA ARG E 34 30.62 -35.93 6.47
C ARG E 34 31.60 -34.78 6.35
N LEU E 35 31.15 -33.67 5.76
CA LEU E 35 32.01 -32.51 5.53
C LEU E 35 31.19 -31.22 5.67
N PRO E 36 31.04 -30.74 6.91
CA PRO E 36 30.16 -29.58 7.16
C PRO E 36 30.58 -28.33 6.41
N GLU E 37 31.87 -28.13 6.23
CA GLU E 37 32.34 -26.97 5.48
C GLU E 37 31.86 -27.02 4.03
N ASP E 38 31.77 -28.23 3.45
CA ASP E 38 31.25 -28.34 2.09
C ASP E 38 29.75 -28.11 2.05
N GLN E 39 29.02 -28.54 3.08
CA GLN E 39 27.59 -28.23 3.16
CA GLN E 39 27.60 -28.22 3.18
C GLN E 39 27.37 -26.72 3.18
N ALA E 40 28.10 -26.01 4.04
CA ALA E 40 27.96 -24.55 4.10
C ALA E 40 28.31 -23.90 2.76
N ARG E 41 29.41 -24.35 2.14
CA ARG E 41 29.78 -23.82 0.83
C ARG E 41 28.71 -24.09 -0.20
N PHE E 42 28.21 -25.32 -0.27
CA PHE E 42 27.16 -25.67 -1.21
C PHE E 42 25.95 -24.78 -1.01
N LYS E 43 25.52 -24.61 0.23
CA LYS E 43 24.35 -23.79 0.51
C LYS E 43 24.58 -22.34 0.11
N ARG E 44 25.75 -21.80 0.41
CA ARG E 44 26.04 -20.42 0.09
C ARG E 44 26.03 -20.18 -1.41
N ILE E 45 26.70 -21.06 -2.16
CA ILE E 45 26.83 -20.86 -3.61
C ILE E 45 25.47 -20.97 -4.30
N THR E 46 24.64 -21.94 -3.91
CA THR E 46 23.40 -22.19 -4.63
C THR E 46 22.22 -21.35 -4.16
N MET E 47 22.33 -20.72 -3.00
CA MET E 47 21.19 -20.02 -2.40
C MET E 47 20.66 -18.95 -3.35
N GLY E 48 19.33 -18.90 -3.48
CA GLY E 48 18.68 -17.95 -4.35
C GLY E 48 18.64 -18.35 -5.81
N HIS E 49 19.33 -19.43 -6.20
CA HIS E 49 19.38 -19.93 -7.56
C HIS E 49 18.53 -21.18 -7.71
N THR E 50 18.05 -21.42 -8.93
CA THR E 50 17.48 -22.71 -9.30
C THR E 50 18.51 -23.81 -9.05
N VAL E 51 18.09 -24.90 -8.43
CA VAL E 51 18.92 -26.10 -8.26
C VAL E 51 18.26 -27.22 -9.03
N ILE E 52 19.05 -27.89 -9.87
CA ILE E 52 18.60 -28.97 -10.76
C ILE E 52 19.22 -30.28 -10.28
N MET E 53 18.39 -31.30 -10.10
CA MET E 53 18.89 -32.54 -9.53
C MET E 53 18.17 -33.76 -10.12
N GLY E 54 18.80 -34.92 -10.01
CA GLY E 54 18.15 -36.15 -10.40
C GLY E 54 17.15 -36.64 -9.35
N ARG E 55 16.26 -37.52 -9.81
CA ARG E 55 15.20 -38.01 -8.91
C ARG E 55 15.80 -38.72 -7.69
N LYS E 56 16.88 -39.48 -7.89
CA LYS E 56 17.50 -40.19 -6.78
C LYS E 56 18.17 -39.23 -5.79
N THR E 57 18.73 -38.13 -6.28
CA THR E 57 19.32 -37.15 -5.36
C THR E 57 18.22 -36.47 -4.54
N TRP E 58 17.07 -36.19 -5.16
CA TRP E 58 15.92 -35.69 -4.40
C TRP E 58 15.55 -36.64 -3.27
N GLU E 59 15.44 -37.94 -3.58
CA GLU E 59 15.09 -38.90 -2.55
C GLU E 59 16.17 -39.06 -1.50
N SER E 60 17.42 -38.74 -1.82
CA SER E 60 18.50 -38.81 -0.84
C SER E 60 18.55 -37.61 0.09
N LEU E 61 17.85 -36.52 -0.24
CA LEU E 61 17.86 -35.36 0.64
C LEU E 61 17.19 -35.70 1.96
N PRO E 62 17.79 -35.35 3.09
CA PRO E 62 17.05 -35.47 4.36
C PRO E 62 15.77 -34.67 4.30
N GLY E 63 14.70 -35.22 4.89
CA GLY E 63 13.38 -34.61 4.78
C GLY E 63 13.34 -33.17 5.24
N SER E 64 14.22 -32.80 6.17
CA SER E 64 14.25 -31.43 6.68
C SER E 64 14.73 -30.41 5.66
N VAL E 65 15.46 -30.85 4.63
CA VAL E 65 15.90 -29.92 3.59
C VAL E 65 15.43 -30.43 2.23
N ARG E 66 14.27 -31.06 2.22
CA ARG E 66 13.62 -31.49 0.99
C ARG E 66 12.26 -30.81 0.92
N PRO E 67 12.05 -29.81 0.05
CA PRO E 67 13.02 -29.29 -0.90
C PRO E 67 14.11 -28.48 -0.21
N LEU E 68 15.22 -28.24 -0.91
CA LEU E 68 16.27 -27.39 -0.39
C LEU E 68 15.73 -25.98 -0.20
N PRO E 69 15.83 -25.40 0.99
CA PRO E 69 15.15 -24.11 1.25
C PRO E 69 15.86 -22.96 0.54
N GLY E 70 15.06 -21.95 0.19
CA GLY E 70 15.57 -20.73 -0.43
C GLY E 70 15.97 -20.87 -1.89
N ARG E 71 15.69 -21.99 -2.53
CA ARG E 71 16.06 -22.25 -3.89
C ARG E 71 14.90 -22.92 -4.62
N PRO E 72 14.59 -22.51 -5.85
CA PRO E 72 13.64 -23.30 -6.65
C PRO E 72 14.24 -24.66 -6.97
N ASN E 73 13.55 -25.72 -6.55
CA ASN E 73 14.02 -27.09 -6.75
C ASN E 73 13.40 -27.67 -8.03
N ILE E 74 14.25 -28.20 -8.90
CA ILE E 74 13.81 -28.87 -10.13
C ILE E 74 14.37 -30.29 -10.08
N VAL E 75 13.51 -31.27 -10.35
CA VAL E 75 13.87 -32.69 -10.24
C VAL E 75 13.60 -33.36 -11.57
N LEU E 76 14.63 -33.98 -12.16
CA LEU E 76 14.48 -34.73 -13.42
C LEU E 76 14.01 -36.14 -13.15
N THR E 77 13.01 -36.58 -13.89
CA THR E 77 12.53 -37.95 -13.81
C THR E 77 11.90 -38.32 -15.15
N ARG E 78 11.89 -39.61 -15.46
CA ARG E 78 11.11 -40.11 -16.58
C ARG E 78 9.72 -40.58 -16.15
N ASP E 79 9.37 -40.41 -14.87
CA ASP E 79 8.07 -40.80 -14.32
C ASP E 79 7.10 -39.63 -14.40
N ALA E 80 6.15 -39.70 -15.33
CA ALA E 80 5.17 -38.63 -15.47
C ALA E 80 4.24 -38.49 -14.26
N LEU E 81 4.20 -39.48 -13.36
CA LEU E 81 3.35 -39.41 -12.17
C LEU E 81 4.12 -38.98 -10.93
N PHE E 82 5.39 -38.62 -11.06
CA PHE E 82 6.16 -38.19 -9.91
C PHE E 82 5.84 -36.73 -9.63
N GLU E 83 5.37 -36.45 -8.42
CA GLU E 83 4.96 -35.09 -8.03
C GLU E 83 5.65 -34.75 -6.72
N PRO E 84 6.89 -34.27 -6.76
CA PRO E 84 7.57 -33.87 -5.51
C PRO E 84 7.00 -32.56 -4.99
N ASP E 85 6.39 -32.62 -3.81
CA ASP E 85 5.81 -31.43 -3.20
C ASP E 85 6.93 -30.45 -2.83
N GLY E 86 6.79 -29.21 -3.32
CA GLY E 86 7.77 -28.18 -3.07
C GLY E 86 8.85 -28.13 -4.12
N ALA E 87 8.74 -28.93 -5.17
CA ALA E 87 9.70 -28.95 -6.25
C ALA E 87 8.95 -29.11 -7.56
N LEU E 88 9.64 -28.81 -8.66
CA LEU E 88 9.06 -29.00 -9.98
C LEU E 88 9.69 -30.24 -10.62
N ALA E 89 8.85 -31.20 -11.03
CA ALA E 89 9.32 -32.38 -11.74
C ALA E 89 9.32 -32.08 -13.24
N VAL E 90 10.42 -32.41 -13.92
CA VAL E 90 10.55 -32.23 -15.37
C VAL E 90 11.13 -33.51 -15.96
N GLY E 91 10.94 -33.66 -17.27
CA GLY E 91 11.31 -34.88 -17.97
C GLY E 91 12.56 -34.81 -18.83
N SER E 92 13.32 -33.71 -18.80
CA SER E 92 14.50 -33.61 -19.66
C SER E 92 15.39 -32.48 -19.16
N ALA E 93 16.64 -32.48 -19.63
CA ALA E 93 17.50 -31.34 -19.33
C ALA E 93 16.94 -30.05 -19.93
N ASP E 94 16.42 -30.14 -21.16
CA ASP E 94 15.83 -28.98 -21.83
C ASP E 94 14.73 -28.36 -20.99
N ALA E 95 13.81 -29.19 -20.49
CA ALA E 95 12.71 -28.66 -19.69
C ALA E 95 13.21 -28.10 -18.37
N ALA E 96 14.24 -28.72 -17.78
CA ALA E 96 14.79 -28.15 -16.55
C ALA E 96 15.32 -26.75 -16.80
N LEU E 97 16.05 -26.56 -17.91
CA LEU E 97 16.62 -25.24 -18.20
C LEU E 97 15.53 -24.23 -18.55
N ALA E 98 14.49 -24.64 -19.27
CA ALA E 98 13.40 -23.73 -19.59
C ALA E 98 12.68 -23.22 -18.34
N ALA E 99 12.67 -23.98 -17.25
CA ALA E 99 12.05 -23.56 -16.00
C ALA E 99 13.03 -22.92 -15.04
N SER E 100 14.29 -22.74 -15.45
CA SER E 100 15.32 -22.24 -14.57
C SER E 100 15.43 -20.72 -14.63
N ASP E 101 16.09 -20.16 -13.64
CA ASP E 101 16.51 -18.77 -13.68
C ASP E 101 17.73 -18.66 -14.59
N GLU E 102 18.39 -17.51 -14.61
CA GLU E 102 19.51 -17.28 -15.53
C GLU E 102 20.81 -17.97 -15.12
N ALA E 103 20.94 -18.44 -13.88
CA ALA E 103 22.18 -19.04 -13.40
C ALA E 103 21.88 -20.25 -12.54
N PRO E 104 21.36 -21.32 -13.13
CA PRO E 104 21.04 -22.51 -12.35
C PRO E 104 22.29 -23.26 -11.94
N TRP E 105 22.16 -24.02 -10.86
CA TRP E 105 23.20 -24.93 -10.39
C TRP E 105 22.70 -26.35 -10.48
N VAL E 106 23.45 -27.21 -11.17
CA VAL E 106 23.15 -28.63 -11.27
C VAL E 106 23.82 -29.31 -10.08
N ILE E 107 23.03 -29.98 -9.24
CA ILE E 107 23.57 -30.40 -7.95
C ILE E 107 23.65 -31.92 -7.79
N GLY E 108 23.57 -32.68 -8.86
CA GLY E 108 23.72 -34.13 -8.81
C GLY E 108 22.43 -34.86 -9.12
N GLY E 109 22.53 -36.19 -9.22
CA GLY E 109 23.76 -36.93 -8.95
C GLY E 109 24.57 -37.32 -10.19
N GLY E 110 25.10 -38.55 -10.19
CA GLY E 110 25.99 -38.96 -11.26
C GLY E 110 25.36 -38.88 -12.64
N GLU E 111 24.15 -39.42 -12.79
CA GLU E 111 23.50 -39.38 -14.09
C GLU E 111 23.27 -37.94 -14.55
N ILE E 112 22.80 -37.09 -13.64
CA ILE E 112 22.46 -35.72 -14.01
C ILE E 112 23.72 -34.88 -14.27
N TYR E 113 24.83 -35.12 -13.52
CA TYR E 113 26.08 -34.42 -13.83
C TYR E 113 26.50 -34.69 -15.27
N ARG E 114 26.52 -35.97 -15.66
CA ARG E 114 26.94 -36.32 -17.02
C ARG E 114 25.98 -35.71 -18.04
N LEU E 115 24.71 -35.57 -17.67
CA LEU E 115 23.74 -35.00 -18.60
C LEU E 115 24.01 -33.53 -18.89
N PHE E 116 24.36 -32.75 -17.86
CA PHE E 116 24.51 -31.31 -18.00
C PHE E 116 25.94 -30.85 -18.24
N LEU E 117 26.95 -31.69 -18.00
CA LEU E 117 28.33 -31.23 -18.16
C LEU E 117 28.62 -30.59 -19.50
N PRO E 118 28.15 -31.12 -20.65
CA PRO E 118 28.46 -30.45 -21.93
C PRO E 118 27.88 -29.05 -22.05
N LEU E 119 26.87 -28.71 -21.27
CA LEU E 119 26.25 -27.39 -21.32
C LEU E 119 26.85 -26.43 -20.29
N ALA E 120 27.75 -26.92 -19.44
CA ALA E 120 28.17 -26.17 -18.26
C ALA E 120 29.27 -25.15 -18.59
N GLN E 121 29.27 -24.08 -17.83
CA GLN E 121 30.28 -23.06 -17.97
C GLN E 121 31.12 -22.89 -16.73
N ARG E 122 30.71 -23.48 -15.60
CA ARG E 122 31.59 -23.47 -14.43
C ARG E 122 31.27 -24.66 -13.54
N CYS E 123 32.30 -25.16 -12.87
CA CYS E 123 32.18 -26.28 -11.95
C CYS E 123 32.81 -25.89 -10.63
N GLU E 124 32.05 -26.04 -9.56
CA GLU E 124 32.53 -25.82 -8.21
C GLU E 124 32.71 -27.20 -7.58
N VAL E 125 33.96 -27.58 -7.36
CA VAL E 125 34.28 -28.95 -7.00
C VAL E 125 34.92 -28.96 -5.62
N THR E 126 34.48 -29.88 -4.78
CA THR E 126 35.15 -30.21 -3.53
C THR E 126 35.81 -31.57 -3.73
N VAL E 127 37.11 -31.63 -3.47
CA VAL E 127 37.87 -32.87 -3.53
C VAL E 127 38.13 -33.34 -2.10
N VAL E 128 37.85 -34.60 -1.86
CA VAL E 128 37.84 -35.18 -0.53
C VAL E 128 38.90 -36.26 -0.49
N GLU E 129 39.74 -36.24 0.54
CA GLU E 129 40.81 -37.23 0.62
C GLU E 129 40.24 -38.41 1.39
N ALA E 130 39.59 -39.32 0.67
CA ALA E 130 38.94 -40.47 1.30
C ALA E 130 38.87 -41.58 0.28
N ASP E 131 39.51 -42.71 0.55
CA ASP E 131 39.45 -43.85 -0.37
C ASP E 131 38.21 -44.70 -0.05
N VAL E 132 37.05 -44.08 -0.21
CA VAL E 132 35.79 -44.77 0.04
C VAL E 132 35.17 -45.20 -1.29
N PRO E 133 34.59 -46.40 -1.38
CA PRO E 133 33.96 -46.84 -2.62
C PRO E 133 32.56 -46.26 -2.76
N GLY E 134 32.04 -46.37 -3.99
CA GLY E 134 30.70 -45.88 -4.27
C GLY E 134 30.22 -46.38 -5.60
N ASP E 135 28.93 -46.14 -5.86
CA ASP E 135 28.30 -46.57 -7.10
C ASP E 135 27.92 -45.40 -7.99
N ALA E 136 28.22 -44.17 -7.57
CA ALA E 136 27.99 -42.99 -8.36
C ALA E 136 29.29 -42.21 -8.44
N LEU E 137 29.62 -41.74 -9.64
CA LEU E 137 30.91 -41.12 -9.92
C LEU E 137 30.71 -39.68 -10.38
N ALA E 138 31.72 -38.87 -10.10
CA ALA E 138 31.74 -37.49 -10.57
C ALA E 138 31.87 -37.47 -12.10
N PRO E 139 31.43 -36.38 -12.73
CA PRO E 139 31.63 -36.28 -14.17
C PRO E 139 33.11 -36.10 -14.47
N GLU E 140 33.52 -36.56 -15.64
CA GLU E 140 34.90 -36.44 -16.08
C GLU E 140 35.11 -35.11 -16.80
N LEU E 141 36.06 -34.32 -16.32
CA LEU E 141 36.41 -33.05 -16.95
C LEU E 141 37.52 -33.28 -17.96
N GLY E 142 37.23 -33.08 -19.24
CA GLY E 142 38.25 -33.13 -20.27
C GLY E 142 38.81 -31.76 -20.56
N GLU E 143 39.35 -31.61 -21.76
CA GLU E 143 39.98 -30.37 -22.18
C GLU E 143 39.00 -29.20 -22.20
N GLY E 144 39.51 -28.01 -21.90
CA GLY E 144 38.72 -26.79 -22.01
C GLY E 144 38.47 -26.05 -20.72
N TRP E 145 38.93 -26.55 -19.58
CA TRP E 145 38.67 -25.95 -18.28
C TRP E 145 40.00 -25.45 -17.72
N VAL E 146 39.92 -24.36 -16.96
CA VAL E 146 41.07 -23.82 -16.25
C VAL E 146 40.67 -23.66 -14.79
N VAL E 147 41.62 -23.95 -13.89
CA VAL E 147 41.37 -23.93 -12.46
C VAL E 147 42.61 -23.44 -11.75
N GLU E 148 42.41 -22.61 -10.73
CA GLU E 148 43.46 -22.22 -9.82
C GLU E 148 43.41 -23.13 -8.59
N THR E 149 44.58 -23.58 -8.13
CA THR E 149 44.62 -24.48 -6.99
C THR E 149 44.37 -23.70 -5.70
N ASN E 150 43.93 -24.43 -4.67
CA ASN E 150 43.75 -23.89 -3.34
C ASN E 150 44.44 -24.78 -2.33
N ASP E 151 44.70 -24.20 -1.17
CA ASP E 151 45.27 -24.99 -0.08
C ASP E 151 44.27 -26.05 0.36
N TRP E 152 44.79 -27.23 0.66
CA TRP E 152 44.00 -28.29 1.30
C TRP E 152 43.76 -27.90 2.76
N GLN E 153 42.58 -28.22 3.27
CA GLN E 153 42.22 -27.90 4.65
C GLN E 153 41.77 -29.14 5.40
N THR E 154 41.65 -29.00 6.72
CA THR E 154 41.16 -30.04 7.60
C THR E 154 39.80 -29.64 8.17
N SER E 155 38.82 -30.51 8.01
CA SER E 155 37.47 -30.32 8.49
C SER E 155 37.34 -30.64 9.99
N GLU E 156 36.33 -30.03 10.63
CA GLU E 156 35.92 -30.46 11.97
C GLU E 156 35.67 -31.96 12.04
N SER E 157 35.19 -32.57 10.95
CA SER E 157 35.02 -34.02 10.92
C SER E 157 36.34 -34.77 10.85
N GLY E 158 37.46 -34.08 10.57
CA GLY E 158 38.78 -34.69 10.45
C GLY E 158 39.19 -34.98 9.02
N LEU E 159 38.25 -34.90 8.09
CA LEU E 159 38.51 -35.10 6.67
C LEU E 159 39.36 -33.98 6.09
N ARG E 160 40.29 -34.35 5.21
CA ARG E 160 41.09 -33.39 4.45
C ARG E 160 40.43 -33.12 3.10
N TYR E 161 40.30 -31.85 2.73
CA TYR E 161 39.50 -31.50 1.56
C TYR E 161 40.07 -30.25 0.89
N GLN E 162 39.64 -30.02 -0.35
CA GLN E 162 40.06 -28.89 -1.17
C GLN E 162 38.87 -28.42 -2.00
N PHE E 163 38.70 -27.10 -2.10
CA PHE E 163 37.71 -26.46 -2.97
C PHE E 163 38.39 -25.98 -4.24
N LEU E 164 37.76 -26.21 -5.39
CA LEU E 164 38.25 -25.78 -6.70
C LEU E 164 37.13 -25.15 -7.49
N SER E 165 37.45 -24.09 -8.25
CA SER E 165 36.50 -23.43 -9.15
C SER E 165 37.02 -23.55 -10.58
N TYR E 166 36.40 -24.43 -11.37
CA TYR E 166 36.75 -24.61 -12.77
C TYR E 166 35.93 -23.68 -13.65
N ARG E 167 36.60 -23.05 -14.61
CA ARG E 167 35.99 -22.16 -15.59
C ARG E 167 36.42 -22.53 -17.01
N LYS E 168 35.59 -22.21 -17.99
CA LYS E 168 35.95 -22.45 -19.39
C LYS E 168 37.08 -21.53 -19.82
N VAL E 169 37.99 -22.07 -20.62
CA VAL E 169 39.12 -21.28 -21.12
C VAL E 169 38.64 -20.26 -22.17
N GLY F 11 16.25 2.41 -13.07
CA GLY F 11 15.13 1.61 -12.62
C GLY F 11 14.79 0.40 -13.49
N THR F 12 13.51 0.02 -13.50
CA THR F 12 13.00 -1.17 -14.19
C THR F 12 11.82 -0.76 -15.06
N ILE F 13 12.00 -0.80 -16.37
CA ILE F 13 10.93 -0.42 -17.29
C ILE F 13 10.14 -1.68 -17.64
N GLY F 14 8.83 -1.62 -17.44
CA GLY F 14 7.97 -2.75 -17.74
C GLY F 14 6.98 -2.44 -18.83
N LEU F 15 6.64 -3.47 -19.60
CA LEU F 15 5.53 -3.43 -20.54
C LEU F 15 4.46 -4.35 -20.00
N ILE F 16 3.20 -3.94 -20.13
CA ILE F 16 2.06 -4.76 -19.71
C ILE F 16 1.00 -4.64 -20.81
N TRP F 17 0.50 -5.79 -21.27
CA TRP F 17 -0.52 -5.79 -22.31
C TRP F 17 -1.33 -7.07 -22.20
N ALA F 18 -2.50 -7.04 -22.83
CA ALA F 18 -3.34 -8.21 -23.00
C ALA F 18 -3.53 -8.43 -24.49
N GLN F 19 -3.36 -9.66 -24.94
CA GLN F 19 -3.44 -10.01 -26.36
C GLN F 19 -4.27 -11.27 -26.54
N THR F 20 -4.88 -11.41 -27.72
CA THR F 20 -5.40 -12.71 -28.08
C THR F 20 -4.24 -13.66 -28.39
N ARG F 21 -4.57 -14.93 -28.59
CA ARG F 21 -3.52 -15.88 -28.91
C ARG F 21 -2.89 -15.59 -30.27
N ALA F 22 -3.58 -14.86 -31.14
CA ALA F 22 -3.01 -14.45 -32.41
C ALA F 22 -2.20 -13.18 -32.31
N GLY F 23 -2.22 -12.50 -31.16
CA GLY F 23 -1.42 -11.31 -30.96
C GLY F 23 -2.21 -10.02 -31.04
N VAL F 24 -3.54 -10.09 -31.26
CA VAL F 24 -4.33 -8.88 -31.38
C VAL F 24 -4.46 -8.21 -30.02
N ILE F 25 -4.21 -6.90 -29.99
CA ILE F 25 -4.42 -6.09 -28.79
C ILE F 25 -5.47 -5.01 -28.98
N GLY F 26 -5.80 -4.63 -30.21
CA GLY F 26 -6.73 -3.54 -30.39
C GLY F 26 -7.41 -3.62 -31.74
N ALA F 27 -8.57 -2.98 -31.80
CA ALA F 27 -9.33 -2.93 -33.03
C ALA F 27 -10.14 -1.65 -33.00
N ASP F 28 -9.97 -0.83 -34.03
CA ASP F 28 -10.75 0.39 -34.19
C ASP F 28 -10.70 1.24 -32.93
N GLY F 29 -9.51 1.34 -32.32
CA GLY F 29 -9.32 2.22 -31.18
C GLY F 29 -9.85 1.72 -29.86
N ALA F 30 -10.12 0.42 -29.73
CA ALA F 30 -10.59 -0.17 -28.49
C ALA F 30 -9.98 -1.56 -28.33
N ILE F 31 -10.19 -2.14 -27.14
CA ILE F 31 -9.80 -3.52 -26.87
C ILE F 31 -11.01 -4.41 -27.15
N PRO F 32 -10.92 -5.38 -28.06
CA PRO F 32 -12.13 -6.09 -28.52
C PRO F 32 -12.54 -7.27 -27.66
N TRP F 33 -12.44 -7.14 -26.35
CA TRP F 33 -13.00 -8.12 -25.42
C TRP F 33 -13.11 -7.43 -24.07
N ARG F 34 -13.82 -8.07 -23.15
CA ARG F 34 -13.94 -7.58 -21.78
C ARG F 34 -13.46 -8.68 -20.85
N LEU F 35 -12.52 -8.37 -19.96
CA LEU F 35 -11.94 -9.39 -19.09
C LEU F 35 -11.66 -8.77 -17.73
N PRO F 36 -12.64 -8.79 -16.83
CA PRO F 36 -12.46 -8.11 -15.53
C PRO F 36 -11.28 -8.63 -14.73
N GLU F 37 -10.96 -9.91 -14.84
CA GLU F 37 -9.81 -10.46 -14.13
C GLU F 37 -8.52 -9.83 -14.65
N ASP F 38 -8.45 -9.52 -15.94
CA ASP F 38 -7.26 -8.83 -16.46
C ASP F 38 -7.24 -7.38 -16.01
N GLN F 39 -8.40 -6.73 -15.99
CA GLN F 39 -8.47 -5.36 -15.47
C GLN F 39 -7.93 -5.29 -14.07
N ALA F 40 -8.32 -6.25 -13.22
CA ALA F 40 -7.86 -6.24 -11.85
C ALA F 40 -6.35 -6.42 -11.79
N ARG F 41 -5.81 -7.37 -12.55
CA ARG F 41 -4.36 -7.59 -12.55
C ARG F 41 -3.62 -6.35 -13.03
N PHE F 42 -4.08 -5.75 -14.15
CA PHE F 42 -3.44 -4.55 -14.67
C PHE F 42 -3.41 -3.46 -13.62
N LYS F 43 -4.55 -3.23 -12.96
CA LYS F 43 -4.62 -2.17 -11.96
C LYS F 43 -3.70 -2.45 -10.79
N ARG F 44 -3.70 -3.70 -10.30
CA ARG F 44 -2.82 -4.06 -9.19
CA ARG F 44 -2.82 -4.06 -9.19
C ARG F 44 -1.36 -3.83 -9.55
N ILE F 45 -0.94 -4.24 -10.75
CA ILE F 45 0.46 -4.12 -11.13
C ILE F 45 0.87 -2.66 -11.29
N THR F 46 0.02 -1.85 -11.91
CA THR F 46 0.42 -0.48 -12.24
C THR F 46 0.14 0.53 -11.14
N MET F 47 -0.68 0.19 -10.13
CA MET F 47 -1.12 1.19 -9.17
C MET F 47 0.06 1.84 -8.45
N GLY F 48 0.03 3.17 -8.33
CA GLY F 48 1.09 3.90 -7.67
C GLY F 48 2.31 4.16 -8.52
N HIS F 49 2.39 3.60 -9.73
CA HIS F 49 3.50 3.77 -10.64
C HIS F 49 3.12 4.68 -11.80
N THR F 50 4.13 5.33 -12.37
CA THR F 50 3.96 6.01 -13.66
C THR F 50 3.49 5.04 -14.74
N VAL F 51 2.49 5.45 -15.53
CA VAL F 51 2.04 4.69 -16.69
C VAL F 51 2.29 5.52 -17.94
N ILE F 52 2.95 4.92 -18.92
CA ILE F 52 3.36 5.58 -20.16
C ILE F 52 2.54 4.99 -21.30
N MET F 53 1.94 5.84 -22.12
CA MET F 53 1.07 5.36 -23.18
C MET F 53 1.18 6.27 -24.40
N GLY F 54 0.80 5.74 -25.57
CA GLY F 54 0.67 6.56 -26.75
C GLY F 54 -0.61 7.37 -26.77
N ARG F 55 -0.61 8.40 -27.62
CA ARG F 55 -1.76 9.30 -27.68
C ARG F 55 -3.04 8.53 -28.01
N LYS F 56 -2.95 7.55 -28.92
CA LYS F 56 -4.17 6.82 -29.27
C LYS F 56 -4.68 5.99 -28.10
N THR F 57 -3.79 5.44 -27.29
CA THR F 57 -4.25 4.68 -26.13
C THR F 57 -4.93 5.58 -25.10
N TRP F 58 -4.38 6.78 -24.87
CA TRP F 58 -5.05 7.76 -24.02
C TRP F 58 -6.49 7.99 -24.47
N GLU F 59 -6.70 8.21 -25.77
CA GLU F 59 -8.06 8.44 -26.25
C GLU F 59 -8.90 7.17 -26.10
N SER F 60 -8.28 5.99 -26.11
CA SER F 60 -9.02 4.75 -25.96
C SER F 60 -9.43 4.47 -24.52
N LEU F 61 -8.90 5.19 -23.53
CA LEU F 61 -9.27 4.94 -22.15
C LEU F 61 -10.74 5.29 -21.95
N PRO F 62 -11.52 4.43 -21.30
CA PRO F 62 -12.89 4.83 -20.92
C PRO F 62 -12.85 6.11 -20.11
N GLY F 63 -13.81 6.99 -20.36
CA GLY F 63 -13.75 8.31 -19.76
C GLY F 63 -13.67 8.29 -18.25
N SER F 64 -14.26 7.27 -17.63
CA SER F 64 -14.25 7.18 -16.17
C SER F 64 -12.86 6.90 -15.62
N VAL F 65 -11.92 6.42 -16.44
CA VAL F 65 -10.53 6.19 -16.04
C VAL F 65 -9.55 6.88 -16.97
N ARG F 66 -9.91 8.06 -17.47
CA ARG F 66 -8.98 8.88 -18.24
C ARG F 66 -8.89 10.19 -17.47
N PRO F 67 -7.78 10.45 -16.75
CA PRO F 67 -6.59 9.59 -16.62
C PRO F 67 -6.81 8.35 -15.76
N LEU F 68 -5.92 7.37 -15.87
CA LEU F 68 -6.00 6.21 -14.99
C LEU F 68 -5.77 6.66 -13.55
N PRO F 69 -6.69 6.37 -12.62
CA PRO F 69 -6.59 6.95 -11.27
C PRO F 69 -5.50 6.28 -10.45
N GLY F 70 -4.90 7.07 -9.56
CA GLY F 70 -3.87 6.57 -8.66
C GLY F 70 -2.51 6.34 -9.30
N ARG F 71 -2.31 6.79 -10.55
CA ARG F 71 -1.07 6.63 -11.30
C ARG F 71 -0.77 7.93 -12.04
N PRO F 72 0.48 8.41 -12.03
CA PRO F 72 0.84 9.53 -12.93
C PRO F 72 0.79 9.07 -14.38
N ASN F 73 -0.02 9.73 -15.18
CA ASN F 73 -0.22 9.38 -16.57
C ASN F 73 0.72 10.20 -17.45
N ILE F 74 1.44 9.53 -18.33
CA ILE F 74 2.32 10.16 -19.30
C ILE F 74 1.88 9.70 -20.70
N VAL F 75 1.73 10.65 -21.62
CA VAL F 75 1.20 10.40 -22.96
C VAL F 75 2.21 10.89 -23.99
N LEU F 76 2.64 10.01 -24.90
CA LEU F 76 3.53 10.39 -25.99
C LEU F 76 2.73 10.92 -27.17
N THR F 77 3.18 12.05 -27.72
CA THR F 77 2.60 12.65 -28.91
C THR F 77 3.69 13.42 -29.65
N ARG F 78 3.53 13.53 -30.96
CA ARG F 78 4.33 14.47 -31.74
C ARG F 78 3.59 15.78 -31.96
N ASP F 79 2.40 15.91 -31.39
CA ASP F 79 1.56 17.10 -31.54
C ASP F 79 1.85 18.06 -30.40
N ALA F 80 2.57 19.14 -30.71
CA ALA F 80 2.95 20.11 -29.69
C ALA F 80 1.76 20.82 -29.05
N LEU F 81 0.59 20.81 -29.69
CA LEU F 81 -0.59 21.46 -29.14
C LEU F 81 -1.56 20.46 -28.50
N PHE F 82 -1.15 19.20 -28.32
CA PHE F 82 -1.99 18.23 -27.64
C PHE F 82 -1.85 18.38 -26.13
N GLU F 83 -2.97 18.62 -25.45
CA GLU F 83 -3.00 18.89 -24.02
C GLU F 83 -3.98 17.91 -23.35
N PRO F 84 -3.51 16.72 -22.97
CA PRO F 84 -4.40 15.75 -22.31
C PRO F 84 -4.75 16.19 -20.89
N ASP F 85 -6.05 16.36 -20.64
CA ASP F 85 -6.48 16.81 -19.31
C ASP F 85 -6.18 15.75 -18.27
N GLY F 86 -5.31 16.08 -17.32
CA GLY F 86 -4.94 15.14 -16.28
C GLY F 86 -3.74 14.27 -16.56
N ALA F 87 -3.01 14.51 -17.64
CA ALA F 87 -1.81 13.74 -17.93
C ALA F 87 -0.74 14.67 -18.46
N LEU F 88 0.48 14.16 -18.48
CA LEU F 88 1.62 14.90 -19.00
C LEU F 88 1.92 14.42 -20.42
N ALA F 89 1.94 15.35 -21.36
CA ALA F 89 2.30 15.05 -22.74
C ALA F 89 3.80 15.19 -22.91
N VAL F 90 4.43 14.19 -23.53
CA VAL F 90 5.86 14.26 -23.83
C VAL F 90 6.06 13.88 -25.29
N GLY F 91 7.20 14.27 -25.84
CA GLY F 91 7.46 14.12 -27.26
C GLY F 91 8.42 13.02 -27.65
N SER F 92 8.86 12.19 -26.72
CA SER F 92 9.83 11.15 -27.04
C SER F 92 9.84 10.11 -25.93
N ALA F 93 10.43 8.95 -26.24
CA ALA F 93 10.59 7.94 -25.22
C ALA F 93 11.49 8.44 -24.09
N ASP F 94 12.57 9.15 -24.45
CA ASP F 94 13.49 9.66 -23.42
CA ASP F 94 13.49 9.66 -23.43
C ASP F 94 12.80 10.67 -22.50
N ALA F 95 11.94 11.52 -23.07
CA ALA F 95 11.22 12.49 -22.24
C ALA F 95 10.23 11.77 -21.32
N ALA F 96 9.62 10.69 -21.80
CA ALA F 96 8.72 9.91 -20.96
C ALA F 96 9.48 9.33 -19.76
N LEU F 97 10.66 8.75 -20.01
CA LEU F 97 11.43 8.11 -18.94
C LEU F 97 12.01 9.12 -17.96
N ALA F 98 12.46 10.29 -18.45
CA ALA F 98 12.98 11.29 -17.52
C ALA F 98 11.90 11.76 -16.55
N ALA F 99 10.63 11.70 -16.94
CA ALA F 99 9.56 12.12 -16.06
C ALA F 99 8.98 10.96 -15.26
N SER F 100 9.52 9.76 -15.40
CA SER F 100 8.95 8.60 -14.72
C SER F 100 9.59 8.36 -13.36
N ASP F 101 8.90 7.57 -12.55
CA ASP F 101 9.45 7.05 -11.31
C ASP F 101 10.41 5.90 -11.64
N GLU F 102 10.85 5.17 -10.63
CA GLU F 102 11.89 4.17 -10.87
C GLU F 102 11.38 2.92 -11.57
N ALA F 103 10.07 2.69 -11.59
CA ALA F 103 9.53 1.45 -12.17
C ALA F 103 8.28 1.77 -12.97
N PRO F 104 8.42 2.49 -14.09
CA PRO F 104 7.25 2.85 -14.89
C PRO F 104 6.71 1.64 -15.62
N TRP F 105 5.42 1.70 -15.97
CA TRP F 105 4.79 0.68 -16.81
C TRP F 105 4.32 1.29 -18.11
N VAL F 106 4.74 0.67 -19.21
CA VAL F 106 4.32 1.05 -20.55
C VAL F 106 3.06 0.26 -20.87
N ILE F 107 1.97 0.97 -21.10
CA ILE F 107 0.65 0.34 -21.12
C ILE F 107 0.01 0.37 -22.51
N GLY F 108 0.77 0.68 -23.58
CA GLY F 108 0.27 0.61 -24.94
C GLY F 108 0.18 1.97 -25.60
N GLY F 109 -0.19 1.96 -26.88
CA GLY F 109 -0.59 0.76 -27.61
C GLY F 109 0.51 0.19 -28.50
N GLY F 110 0.16 -0.24 -29.71
CA GLY F 110 1.13 -0.94 -30.56
C GLY F 110 2.40 -0.15 -30.86
N GLU F 111 2.25 1.10 -31.30
CA GLU F 111 3.46 1.87 -31.61
C GLU F 111 4.32 2.05 -30.38
N ILE F 112 3.70 2.37 -29.24
CA ILE F 112 4.49 2.65 -28.06
C ILE F 112 5.12 1.38 -27.51
N TYR F 113 4.46 0.23 -27.61
CA TYR F 113 5.13 -1.02 -27.22
C TYR F 113 6.39 -1.24 -28.05
N ARG F 114 6.28 -1.09 -29.38
CA ARG F 114 7.44 -1.33 -30.21
C ARG F 114 8.55 -0.33 -29.92
N LEU F 115 8.16 0.90 -29.56
CA LEU F 115 9.13 1.95 -29.23
C LEU F 115 9.90 1.62 -27.95
N PHE F 116 9.21 1.12 -26.92
CA PHE F 116 9.83 0.90 -25.61
C PHE F 116 10.39 -0.50 -25.40
N LEU F 117 9.99 -1.48 -26.22
CA LEU F 117 10.49 -2.85 -26.03
C LEU F 117 12.01 -2.94 -25.97
N PRO F 118 12.81 -2.27 -26.80
CA PRO F 118 14.27 -2.40 -26.66
C PRO F 118 14.80 -1.93 -25.32
N LEU F 119 14.07 -1.08 -24.60
CA LEU F 119 14.52 -0.55 -23.32
C LEU F 119 13.96 -1.31 -22.13
N ALA F 120 13.09 -2.29 -22.36
CA ALA F 120 12.33 -2.88 -21.27
C ALA F 120 13.09 -4.01 -20.59
N GLN F 121 12.86 -4.15 -19.29
CA GLN F 121 13.41 -5.24 -18.52
C GLN F 121 12.38 -6.31 -18.16
N ARG F 122 11.10 -6.01 -18.21
CA ARG F 122 10.10 -7.01 -17.89
CA ARG F 122 10.09 -6.99 -17.85
C ARG F 122 8.80 -6.72 -18.62
N CYS F 123 8.07 -7.79 -18.90
CA CYS F 123 6.77 -7.73 -19.57
C CYS F 123 5.78 -8.57 -18.79
N GLU F 124 4.62 -8.02 -18.50
CA GLU F 124 3.52 -8.78 -17.89
C GLU F 124 2.42 -8.95 -18.94
N VAL F 125 2.15 -10.20 -19.34
CA VAL F 125 1.31 -10.44 -20.51
C VAL F 125 0.09 -11.27 -20.10
N THR F 126 -1.08 -10.82 -20.55
CA THR F 126 -2.28 -11.63 -20.48
C THR F 126 -2.62 -12.11 -21.90
N VAL F 127 -2.80 -13.41 -22.06
CA VAL F 127 -3.25 -14.00 -23.31
C VAL F 127 -4.70 -14.41 -23.14
N VAL F 128 -5.58 -13.97 -24.05
CA VAL F 128 -7.01 -14.23 -23.99
CA VAL F 128 -7.00 -14.26 -23.97
C VAL F 128 -7.40 -15.12 -25.16
N GLU F 129 -8.21 -16.13 -24.91
CA GLU F 129 -8.66 -16.92 -26.05
C GLU F 129 -9.93 -16.30 -26.61
N ALA F 130 -9.75 -15.43 -27.60
CA ALA F 130 -10.86 -14.73 -28.24
C ALA F 130 -10.48 -14.59 -29.70
N ASP F 131 -11.23 -15.24 -30.58
CA ASP F 131 -10.92 -15.18 -32.01
C ASP F 131 -11.62 -13.98 -32.65
N VAL F 132 -11.15 -12.81 -32.22
CA VAL F 132 -11.66 -11.53 -32.73
C VAL F 132 -10.59 -10.88 -33.60
N PRO F 133 -10.96 -10.20 -34.66
CA PRO F 133 -9.98 -9.51 -35.51
C PRO F 133 -9.49 -8.22 -34.88
N GLY F 134 -8.39 -7.70 -35.43
CA GLY F 134 -7.89 -6.43 -34.93
C GLY F 134 -6.88 -5.81 -35.88
N ASP F 135 -6.57 -4.54 -35.60
CA ASP F 135 -5.66 -3.75 -36.41
C ASP F 135 -4.40 -3.36 -35.67
N ALA F 136 -4.25 -3.74 -34.40
CA ALA F 136 -3.04 -3.50 -33.62
C ALA F 136 -2.65 -4.80 -32.92
N LEU F 137 -1.34 -5.08 -32.90
CA LEU F 137 -0.76 -6.33 -32.43
C LEU F 137 0.25 -6.10 -31.31
N ALA F 138 0.39 -7.11 -30.45
CA ALA F 138 1.42 -7.11 -29.42
C ALA F 138 2.80 -7.29 -30.04
N PRO F 139 3.85 -6.80 -29.37
CA PRO F 139 5.22 -7.09 -29.82
C PRO F 139 5.58 -8.54 -29.57
N GLU F 140 6.53 -9.02 -30.37
CA GLU F 140 7.09 -10.36 -30.25
C GLU F 140 8.30 -10.34 -29.32
N LEU F 141 8.32 -11.24 -28.35
CA LEU F 141 9.46 -11.37 -27.44
C LEU F 141 10.38 -12.43 -28.03
N GLY F 142 11.56 -12.01 -28.45
CA GLY F 142 12.56 -12.91 -29.00
C GLY F 142 13.56 -13.41 -27.97
N GLU F 143 14.77 -13.68 -28.44
CA GLU F 143 15.83 -14.17 -27.56
C GLU F 143 16.17 -13.12 -26.52
N GLY F 144 16.51 -13.59 -25.32
CA GLY F 144 16.95 -12.72 -24.25
C GLY F 144 15.98 -12.67 -23.09
N TRP F 145 14.84 -13.34 -23.19
CA TRP F 145 13.80 -13.27 -22.17
C TRP F 145 13.62 -14.61 -21.48
N VAL F 146 13.35 -14.54 -20.19
CA VAL F 146 12.97 -15.69 -19.37
C VAL F 146 11.49 -15.50 -19.08
N VAL F 147 10.74 -16.59 -19.01
CA VAL F 147 9.30 -16.50 -18.88
C VAL F 147 8.81 -17.52 -17.88
N GLU F 148 7.95 -17.08 -16.97
CA GLU F 148 7.17 -17.97 -16.11
C GLU F 148 5.76 -18.03 -16.68
N THR F 149 5.24 -19.22 -16.83
CA THR F 149 3.90 -19.42 -17.36
C THR F 149 2.99 -19.90 -16.23
N ASN F 150 1.71 -19.60 -16.37
CA ASN F 150 0.72 -20.08 -15.43
C ASN F 150 -0.29 -20.83 -16.27
N ASP F 151 -0.99 -21.79 -15.66
CA ASP F 151 -1.96 -22.57 -16.40
C ASP F 151 -3.11 -21.68 -16.85
N TRP F 152 -3.77 -22.07 -17.94
CA TRP F 152 -4.95 -21.35 -18.40
C TRP F 152 -6.04 -21.32 -17.34
N GLN F 153 -6.76 -20.19 -17.29
CA GLN F 153 -7.86 -20.00 -16.37
C GLN F 153 -9.13 -19.63 -17.14
N THR F 154 -10.25 -19.75 -16.46
CA THR F 154 -11.54 -19.39 -17.02
C THR F 154 -12.10 -18.22 -16.23
N SER F 155 -12.44 -17.14 -16.93
CA SER F 155 -13.02 -15.99 -16.25
C SER F 155 -14.45 -16.31 -15.82
N GLU F 156 -15.00 -15.43 -14.98
CA GLU F 156 -16.40 -15.64 -14.59
C GLU F 156 -17.31 -15.63 -15.80
N SER F 157 -16.99 -14.82 -16.82
CA SER F 157 -17.75 -14.78 -18.06
C SER F 157 -17.55 -16.00 -18.97
N GLY F 158 -16.57 -16.87 -18.70
CA GLY F 158 -16.29 -17.98 -19.59
C GLY F 158 -15.12 -17.80 -20.53
N LEU F 159 -14.54 -16.60 -20.60
CA LEU F 159 -13.37 -16.35 -21.43
C LEU F 159 -12.12 -17.04 -20.85
N ARG F 160 -11.40 -17.78 -21.69
CA ARG F 160 -10.18 -18.41 -21.23
C ARG F 160 -9.02 -17.43 -21.32
N TYR F 161 -8.13 -17.47 -20.31
CA TYR F 161 -7.01 -16.52 -20.29
C TYR F 161 -5.85 -17.12 -19.51
N GLN F 162 -4.68 -16.52 -19.73
CA GLN F 162 -3.45 -17.00 -19.12
C GLN F 162 -2.55 -15.80 -18.82
N PHE F 163 -1.93 -15.82 -17.65
CA PHE F 163 -0.97 -14.79 -17.25
C PHE F 163 0.45 -15.29 -17.45
N LEU F 164 1.29 -14.46 -18.07
CA LEU F 164 2.67 -14.78 -18.35
C LEU F 164 3.53 -13.62 -17.86
N SER F 165 4.70 -13.94 -17.31
CA SER F 165 5.65 -12.95 -16.85
C SER F 165 6.97 -13.17 -17.57
N TYR F 166 7.54 -12.09 -18.12
CA TYR F 166 8.81 -12.15 -18.84
C TYR F 166 9.80 -11.21 -18.19
N ARG F 167 11.04 -11.66 -18.02
CA ARG F 167 12.09 -10.78 -17.53
C ARG F 167 13.28 -10.91 -18.49
N LYS F 168 13.87 -9.78 -18.85
CA LYS F 168 15.00 -9.78 -19.77
C LYS F 168 16.30 -10.20 -19.09
N VAL F 169 17.07 -11.06 -19.77
CA VAL F 169 18.42 -11.41 -19.31
C VAL F 169 19.41 -10.30 -19.66
N GLY G 11 -16.81 10.35 -0.42
CA GLY G 11 -16.50 10.83 0.91
C GLY G 11 -17.70 10.78 1.86
N THR G 12 -17.77 9.73 2.67
CA THR G 12 -18.87 9.55 3.62
C THR G 12 -18.30 9.49 5.02
N ILE G 13 -18.53 10.53 5.80
CA ILE G 13 -18.04 10.60 7.17
C ILE G 13 -19.11 10.02 8.08
N GLY G 14 -18.74 9.03 8.88
CA GLY G 14 -19.65 8.40 9.81
C GLY G 14 -19.22 8.66 11.24
N LEU G 15 -20.20 8.73 12.13
CA LEU G 15 -19.97 8.72 13.57
C LEU G 15 -20.50 7.41 14.14
N ILE G 16 -19.80 6.86 15.13
CA ILE G 16 -20.26 5.63 15.77
C ILE G 16 -20.04 5.76 17.27
N TRP G 17 -21.09 5.48 18.06
CA TRP G 17 -20.95 5.60 19.51
C TRP G 17 -21.95 4.70 20.20
N ALA G 18 -21.71 4.46 21.49
CA ALA G 18 -22.64 3.75 22.35
C ALA G 18 -22.97 4.65 23.53
N GLN G 19 -24.28 4.78 23.83
CA GLN G 19 -24.73 5.66 24.89
C GLN G 19 -25.81 4.96 25.71
N THR G 20 -25.94 5.36 26.98
CA THR G 20 -27.13 5.02 27.74
C THR G 20 -28.33 5.76 27.14
N ARG G 21 -29.53 5.35 27.54
CA ARG G 21 -30.72 6.05 27.06
C ARG G 21 -30.68 7.52 27.43
N ALA G 22 -30.07 7.85 28.56
CA ALA G 22 -29.93 9.23 28.98
C ALA G 22 -28.79 9.96 28.28
N GLY G 23 -27.97 9.27 27.47
CA GLY G 23 -26.95 9.94 26.69
C GLY G 23 -25.52 9.84 27.21
N VAL G 24 -25.28 9.14 28.32
CA VAL G 24 -23.93 9.02 28.84
C VAL G 24 -23.12 8.09 27.95
N ILE G 25 -21.89 8.51 27.60
CA ILE G 25 -20.98 7.65 26.86
C ILE G 25 -19.72 7.33 27.61
N GLY G 26 -19.37 8.07 28.65
CA GLY G 26 -18.12 7.82 29.35
C GLY G 26 -18.16 8.35 30.74
N ALA G 27 -17.31 7.78 31.58
CA ALA G 27 -17.18 8.22 32.96
C ALA G 27 -15.75 7.92 33.39
N ASP G 28 -15.04 8.95 33.84
CA ASP G 28 -13.68 8.80 34.37
C ASP G 28 -12.77 8.07 33.39
N GLY G 29 -12.85 8.46 32.11
CA GLY G 29 -11.93 7.94 31.12
C GLY G 29 -12.21 6.53 30.65
N ALA G 30 -13.41 6.00 30.87
CA ALA G 30 -13.75 4.66 30.42
C ALA G 30 -15.21 4.65 30.00
N ILE G 31 -15.61 3.53 29.40
CA ILE G 31 -17.00 3.27 29.07
C ILE G 31 -17.60 2.46 30.22
N PRO G 32 -18.61 2.95 30.92
CA PRO G 32 -19.03 2.31 32.18
C PRO G 32 -20.02 1.17 31.99
N TRP G 33 -19.77 0.31 31.01
CA TRP G 33 -20.55 -0.93 30.86
C TRP G 33 -19.75 -1.87 29.98
N ARG G 34 -20.16 -3.13 29.96
CA ARG G 34 -19.54 -4.15 29.13
C ARG G 34 -20.59 -4.70 28.18
N LEU G 35 -20.30 -4.66 26.88
CA LEU G 35 -21.27 -5.08 25.86
C LEU G 35 -20.54 -5.74 24.68
N PRO G 36 -20.31 -7.05 24.73
CA PRO G 36 -19.52 -7.71 23.66
C PRO G 36 -20.14 -7.59 22.27
N GLU G 37 -21.48 -7.60 22.17
CA GLU G 37 -22.14 -7.47 20.87
C GLU G 37 -21.86 -6.11 20.26
N ASP G 38 -21.79 -5.07 21.08
CA ASP G 38 -21.44 -3.76 20.55
C ASP G 38 -19.98 -3.71 20.14
N GLN G 39 -19.10 -4.35 20.94
CA GLN G 39 -17.68 -4.39 20.59
C GLN G 39 -17.49 -5.09 19.25
N ALA G 40 -18.16 -6.23 19.07
CA ALA G 40 -18.09 -6.96 17.81
C ALA G 40 -18.63 -6.13 16.65
N ARG G 41 -19.77 -5.46 16.87
CA ARG G 41 -20.37 -4.63 15.83
C ARG G 41 -19.49 -3.44 15.48
N PHE G 42 -18.97 -2.75 16.49
CA PHE G 42 -18.06 -1.64 16.24
C PHE G 42 -16.88 -2.09 15.39
N LYS G 43 -16.28 -3.22 15.77
CA LYS G 43 -15.11 -3.71 15.03
C LYS G 43 -15.47 -4.06 13.58
N ARG G 44 -16.62 -4.69 13.37
CA ARG G 44 -17.03 -5.09 12.03
CA ARG G 44 -17.01 -5.09 12.02
C ARG G 44 -17.23 -3.88 11.13
N ILE G 45 -17.94 -2.86 11.64
CA ILE G 45 -18.27 -1.70 10.83
C ILE G 45 -17.01 -0.89 10.48
N THR G 46 -16.12 -0.68 11.43
CA THR G 46 -14.98 0.20 11.17
C THR G 46 -13.79 -0.51 10.54
N MET G 47 -13.78 -1.84 10.50
CA MET G 47 -12.61 -2.57 10.03
C MET G 47 -12.24 -2.13 8.62
N GLY G 48 -10.95 -1.90 8.41
CA GLY G 48 -10.47 -1.46 7.11
C GLY G 48 -10.63 0.01 6.83
N HIS G 49 -11.32 0.74 7.70
CA HIS G 49 -11.51 2.17 7.52
C HIS G 49 -10.65 2.95 8.50
N THR G 50 -10.31 4.18 8.12
CA THR G 50 -9.74 5.15 9.04
C THR G 50 -10.68 5.36 10.23
N VAL G 51 -10.13 5.36 11.43
CA VAL G 51 -10.87 5.75 12.64
C VAL G 51 -10.24 7.02 13.18
N ILE G 52 -11.10 8.01 13.46
CA ILE G 52 -10.69 9.32 13.92
C ILE G 52 -11.18 9.47 15.35
N MET G 53 -10.30 9.89 16.26
CA MET G 53 -10.65 10.01 17.66
C MET G 53 -9.95 11.20 18.29
N GLY G 54 -10.52 11.68 19.42
CA GLY G 54 -9.86 12.67 20.24
C GLY G 54 -8.76 12.08 21.11
N ARG G 55 -7.88 12.96 21.61
CA ARG G 55 -6.72 12.49 22.37
C ARG G 55 -7.15 11.71 23.61
N LYS G 56 -8.20 12.15 24.29
CA LYS G 56 -8.62 11.44 25.49
C LYS G 56 -9.21 10.06 25.18
N THR G 57 -9.85 9.92 24.02
CA THR G 57 -10.36 8.60 23.63
C THR G 57 -9.21 7.64 23.33
N TRP G 58 -8.16 8.13 22.67
CA TRP G 58 -6.97 7.31 22.47
C TRP G 58 -6.46 6.77 23.78
N GLU G 59 -6.30 7.65 24.77
CA GLU G 59 -5.81 7.24 26.08
C GLU G 59 -6.82 6.35 26.79
N SER G 60 -8.11 6.45 26.44
CA SER G 60 -9.14 5.60 27.03
C SER G 60 -9.21 4.22 26.40
N LEU G 61 -8.54 4.00 25.27
CA LEU G 61 -8.61 2.71 24.63
C LEU G 61 -7.97 1.65 25.54
N PRO G 62 -8.58 0.49 25.70
CA PRO G 62 -7.87 -0.60 26.39
C PRO G 62 -6.56 -0.86 25.66
N GLY G 63 -5.50 -1.11 26.44
CA GLY G 63 -4.18 -1.18 25.86
C GLY G 63 -4.02 -2.24 24.78
N SER G 64 -4.75 -3.34 24.90
CA SER G 64 -4.65 -4.42 23.93
C SER G 64 -5.19 -4.03 22.55
N VAL G 65 -5.96 -2.94 22.46
CA VAL G 65 -6.49 -2.46 21.20
C VAL G 65 -6.12 -1.00 20.96
N ARG G 66 -4.92 -0.61 21.41
CA ARG G 66 -4.35 0.71 21.13
C ARG G 66 -3.01 0.57 20.42
N PRO G 67 -2.91 0.87 19.12
CA PRO G 67 -3.99 1.36 18.26
C PRO G 67 -5.03 0.29 17.95
N LEU G 68 -6.21 0.69 17.49
CA LEU G 68 -7.21 -0.30 17.08
C LEU G 68 -6.69 -1.08 15.88
N PRO G 69 -6.63 -2.40 15.96
CA PRO G 69 -5.95 -3.17 14.89
C PRO G 69 -6.75 -3.19 13.60
N GLY G 70 -6.01 -3.24 12.49
CA GLY G 70 -6.62 -3.33 11.18
C GLY G 70 -7.23 -2.06 10.65
N ARG G 71 -7.01 -0.94 11.35
CA ARG G 71 -7.57 0.35 10.97
C ARG G 71 -6.49 1.40 11.15
N PRO G 72 -6.34 2.32 10.19
CA PRO G 72 -5.46 3.48 10.42
C PRO G 72 -6.04 4.39 11.49
N ASN G 73 -5.29 4.60 12.56
CA ASN G 73 -5.77 5.40 13.69
C ASN G 73 -5.31 6.84 13.55
N ILE G 74 -6.24 7.78 13.68
CA ILE G 74 -5.91 9.20 13.65
C ILE G 74 -6.38 9.82 14.97
N VAL G 75 -5.50 10.58 15.61
CA VAL G 75 -5.79 11.16 16.92
C VAL G 75 -5.69 12.67 16.83
N LEU G 76 -6.76 13.37 17.19
CA LEU G 76 -6.76 14.83 17.24
C LEU G 76 -6.24 15.34 18.57
N THR G 77 -5.31 16.28 18.52
CA THR G 77 -4.84 16.97 19.70
C THR G 77 -4.37 18.36 19.31
N ARG G 78 -4.40 19.28 20.26
CA ARG G 78 -3.74 20.57 20.11
C ARG G 78 -2.35 20.59 20.73
N ASP G 79 -1.89 19.46 21.28
CA ASP G 79 -0.59 19.36 21.92
C ASP G 79 0.44 18.91 20.89
N ALA G 80 1.29 19.84 20.44
CA ALA G 80 2.28 19.51 19.42
C ALA G 80 3.29 18.48 19.90
N LEU G 81 3.40 18.25 21.21
CA LEU G 81 4.33 17.26 21.71
C LEU G 81 3.65 15.94 22.03
N PHE G 82 2.39 15.78 21.68
CA PHE G 82 1.69 14.52 21.85
C PHE G 82 1.99 13.62 20.65
N GLU G 83 2.51 12.43 20.93
CA GLU G 83 2.95 11.48 19.93
C GLU G 83 2.30 10.16 20.27
N PRO G 84 1.12 9.87 19.72
CA PRO G 84 0.45 8.58 19.98
C PRO G 84 1.19 7.45 19.27
N ASP G 85 1.69 6.48 20.04
CA ASP G 85 2.42 5.37 19.45
C ASP G 85 1.50 4.50 18.62
N GLY G 86 1.75 4.41 17.32
CA GLY G 86 0.93 3.63 16.43
C GLY G 86 -0.21 4.36 15.77
N ALA G 87 -0.28 5.69 15.90
CA ALA G 87 -1.34 6.47 15.27
C ALA G 87 -0.75 7.75 14.72
N LEU G 88 -1.53 8.41 13.87
CA LEU G 88 -1.14 9.69 13.30
C LEU G 88 -1.81 10.79 14.10
N ALA G 89 -1.02 11.73 14.61
CA ALA G 89 -1.55 12.89 15.29
C ALA G 89 -1.76 14.01 14.29
N VAL G 90 -2.94 14.62 14.33
CA VAL G 90 -3.26 15.80 13.54
C VAL G 90 -3.87 16.84 14.46
N GLY G 91 -3.83 18.09 14.03
CA GLY G 91 -4.28 19.20 14.84
C GLY G 91 -5.60 19.82 14.42
N SER G 92 -6.30 19.22 13.47
CA SER G 92 -7.54 19.82 12.99
C SER G 92 -8.38 18.76 12.29
N ALA G 93 -9.68 19.05 12.17
CA ALA G 93 -10.56 18.16 11.42
C ALA G 93 -10.15 18.10 9.95
N ASP G 94 -9.66 19.22 9.40
CA ASP G 94 -9.25 19.27 8.00
C ASP G 94 -8.12 18.31 7.70
N ALA G 95 -7.06 18.35 8.52
CA ALA G 95 -5.94 17.43 8.32
C ALA G 95 -6.38 15.99 8.56
N ALA G 96 -7.28 15.79 9.53
CA ALA G 96 -7.80 14.44 9.77
C ALA G 96 -8.52 13.91 8.54
N LEU G 97 -9.43 14.71 7.99
CA LEU G 97 -10.17 14.25 6.82
C LEU G 97 -9.28 14.14 5.59
N ALA G 98 -8.33 15.07 5.43
CA ALA G 98 -7.38 14.97 4.33
C ALA G 98 -6.54 13.70 4.42
N ALA G 99 -6.33 13.17 5.62
CA ALA G 99 -5.53 11.96 5.79
C ALA G 99 -6.35 10.67 5.81
N SER G 100 -7.67 10.76 5.63
CA SER G 100 -8.56 9.61 5.76
C SER G 100 -8.77 8.92 4.42
N ASP G 101 -9.32 7.70 4.49
CA ASP G 101 -9.83 7.00 3.32
C ASP G 101 -11.19 7.62 2.95
N GLU G 102 -11.92 6.98 2.04
CA GLU G 102 -13.18 7.56 1.55
C GLU G 102 -14.32 7.48 2.55
N ALA G 103 -14.23 6.63 3.57
CA ALA G 103 -15.34 6.42 4.50
C ALA G 103 -14.83 6.28 5.92
N PRO G 104 -14.26 7.35 6.48
CA PRO G 104 -13.75 7.28 7.86
C PRO G 104 -14.88 7.21 8.87
N TRP G 105 -14.54 6.68 10.04
CA TRP G 105 -15.45 6.64 11.18
C TRP G 105 -14.86 7.46 12.32
N VAL G 106 -15.66 8.38 12.83
CA VAL G 106 -15.32 9.15 14.02
C VAL G 106 -15.80 8.36 15.23
N ILE G 107 -14.87 8.01 16.13
CA ILE G 107 -15.16 7.01 17.14
C ILE G 107 -15.14 7.57 18.56
N GLY G 108 -15.16 8.89 18.72
CA GLY G 108 -15.24 9.53 20.02
C GLY G 108 -13.99 10.34 20.35
N GLY G 109 -14.06 11.07 21.46
CA GLY G 109 -15.20 11.04 22.36
C GLY G 109 -16.17 12.21 22.25
N GLY G 110 -16.62 12.71 23.41
CA GLY G 110 -17.65 13.72 23.41
C GLY G 110 -17.27 14.97 22.63
N GLU G 111 -16.06 15.48 22.86
CA GLU G 111 -15.62 16.68 22.14
C GLU G 111 -15.53 16.39 20.65
N ILE G 112 -14.92 15.27 20.27
CA ILE G 112 -14.71 15.00 18.86
C ILE G 112 -16.03 14.66 18.16
N TYR G 113 -16.97 14.00 18.84
CA TYR G 113 -18.29 13.83 18.25
C TYR G 113 -18.91 15.18 17.89
N ARG G 114 -18.89 16.13 18.83
CA ARG G 114 -19.49 17.44 18.55
C ARG G 114 -18.75 18.17 17.44
N LEU G 115 -17.44 17.95 17.33
CA LEU G 115 -16.66 18.60 16.28
C LEU G 115 -17.06 18.09 14.90
N PHE G 116 -17.25 16.78 14.75
CA PHE G 116 -17.48 16.22 13.42
C PHE G 116 -18.95 16.07 13.06
N LEU G 117 -19.86 16.12 14.04
CA LEU G 117 -21.27 15.93 13.74
C LEU G 117 -21.77 16.81 12.60
N PRO G 118 -21.41 18.10 12.50
CA PRO G 118 -21.89 18.87 11.34
C PRO G 118 -21.39 18.33 10.02
N LEU G 119 -20.32 17.54 10.03
CA LEU G 119 -19.76 17.00 8.79
C LEU G 119 -20.27 15.59 8.49
N ALA G 120 -21.05 15.01 9.40
CA ALA G 120 -21.39 13.60 9.32
C ALA G 120 -22.52 13.34 8.33
N GLN G 121 -22.40 12.24 7.61
CA GLN G 121 -23.50 11.74 6.80
C GLN G 121 -24.21 10.53 7.39
N ARG G 122 -23.63 9.87 8.39
CA ARG G 122 -24.35 8.78 9.04
C ARG G 122 -23.86 8.63 10.47
N CYS G 123 -24.77 8.16 11.33
CA CYS G 123 -24.41 7.86 12.71
C CYS G 123 -24.88 6.45 13.01
N GLU G 124 -23.96 5.62 13.48
CA GLU G 124 -24.26 4.29 13.95
C GLU G 124 -24.24 4.33 15.48
N VAL G 125 -25.40 4.17 16.09
CA VAL G 125 -25.62 4.41 17.51
C VAL G 125 -26.03 3.11 18.17
N THR G 126 -25.40 2.80 19.31
CA THR G 126 -25.87 1.76 20.20
C THR G 126 -26.47 2.43 21.43
N VAL G 127 -27.72 2.08 21.74
CA VAL G 127 -28.37 2.59 22.93
C VAL G 127 -28.41 1.48 23.96
N VAL G 128 -27.94 1.78 25.17
CA VAL G 128 -27.81 0.81 26.25
C VAL G 128 -28.79 1.17 27.35
N GLU G 129 -29.44 0.16 27.92
CA GLU G 129 -30.35 0.34 29.05
C GLU G 129 -29.54 0.19 30.32
N ALA G 130 -28.95 1.30 30.77
CA ALA G 130 -28.12 1.31 31.96
C ALA G 130 -28.16 2.69 32.59
N ASP G 131 -28.64 2.77 33.82
CA ASP G 131 -28.70 4.04 34.54
C ASP G 131 -27.35 4.30 35.24
N VAL G 132 -26.35 4.61 34.43
CA VAL G 132 -25.03 4.88 34.97
C VAL G 132 -24.65 6.34 34.72
N PRO G 133 -24.08 7.03 35.69
CA PRO G 133 -23.68 8.43 35.49
C PRO G 133 -22.40 8.50 34.67
N GLY G 134 -22.12 9.70 34.19
CA GLY G 134 -20.90 9.89 33.41
C GLY G 134 -20.61 11.36 33.26
N ASP G 135 -19.40 11.62 32.76
CA ASP G 135 -18.91 12.97 32.57
C ASP G 135 -18.73 13.31 31.09
N ALA G 136 -19.04 12.37 30.20
CA ALA G 136 -18.97 12.57 28.75
C ALA G 136 -20.29 12.14 28.12
N LEU G 137 -20.79 12.95 27.20
CA LEU G 137 -22.12 12.76 26.66
C LEU G 137 -22.09 12.56 25.15
N ALA G 138 -23.06 11.80 24.67
CA ALA G 138 -23.25 11.62 23.24
C ALA G 138 -23.66 12.96 22.61
N PRO G 139 -23.41 13.15 21.32
CA PRO G 139 -23.90 14.36 20.67
C PRO G 139 -25.41 14.31 20.56
N GLU G 140 -26.00 15.48 20.56
CA GLU G 140 -27.44 15.59 20.42
C GLU G 140 -27.78 15.58 18.94
N LEU G 141 -28.65 14.65 18.52
CA LEU G 141 -29.12 14.60 17.15
C LEU G 141 -30.43 15.38 17.04
N GLY G 142 -30.39 16.50 16.36
CA GLY G 142 -31.58 17.29 16.06
C GLY G 142 -32.15 16.96 14.70
N GLU G 143 -32.81 17.95 14.11
CA GLU G 143 -33.42 17.75 12.80
C GLU G 143 -32.37 17.42 11.74
N GLY G 144 -32.77 16.63 10.75
CA GLY G 144 -31.93 16.33 9.60
C GLY G 144 -31.61 14.86 9.44
N TRP G 145 -32.07 14.03 10.36
CA TRP G 145 -31.74 12.61 10.37
C TRP G 145 -33.02 11.79 10.25
N VAL G 146 -32.89 10.61 9.64
CA VAL G 146 -33.95 9.61 9.61
C VAL G 146 -33.37 8.29 10.09
N VAL G 147 -34.15 7.52 10.83
CA VAL G 147 -33.67 6.25 11.38
C VAL G 147 -34.82 5.25 11.40
N GLU G 148 -34.51 3.99 11.09
CA GLU G 148 -35.44 2.89 11.27
C GLU G 148 -35.16 2.23 12.61
N THR G 149 -36.23 1.92 13.35
CA THR G 149 -36.05 1.31 14.65
C THR G 149 -35.62 -0.15 14.48
N ASN G 150 -34.99 -0.70 15.53
CA ASN G 150 -34.65 -2.11 15.59
C ASN G 150 -35.13 -2.68 16.91
N ASP G 151 -35.29 -4.00 16.97
CA ASP G 151 -35.69 -4.66 18.21
C ASP G 151 -34.61 -4.52 19.27
N TRP G 152 -35.03 -4.36 20.52
CA TRP G 152 -34.11 -4.43 21.65
C TRP G 152 -33.68 -5.86 21.88
N GLN G 153 -32.42 -6.06 22.25
CA GLN G 153 -31.91 -7.39 22.53
C GLN G 153 -31.28 -7.40 23.92
N THR G 154 -31.01 -8.60 24.43
CA THR G 154 -30.34 -8.76 25.72
C THR G 154 -28.97 -9.40 25.54
N SER G 155 -27.94 -8.75 26.06
CA SER G 155 -26.61 -9.31 26.01
C SER G 155 -26.48 -10.46 27.00
N GLU G 156 -25.44 -11.28 26.80
CA GLU G 156 -25.08 -12.29 27.80
C GLU G 156 -24.88 -11.65 29.17
N SER G 157 -24.35 -10.43 29.20
CA SER G 157 -24.11 -9.70 30.44
C SER G 157 -25.39 -9.26 31.12
N GLY G 158 -26.54 -9.37 30.45
CA GLY G 158 -27.81 -8.93 30.98
C GLY G 158 -28.23 -7.55 30.54
N LEU G 159 -27.33 -6.76 29.96
CA LEU G 159 -27.68 -5.44 29.48
C LEU G 159 -28.58 -5.54 28.26
N ARG G 160 -29.64 -4.75 28.25
CA ARG G 160 -30.49 -4.62 27.09
C ARG G 160 -29.96 -3.48 26.23
N TYR G 161 -30.06 -3.64 24.91
CA TYR G 161 -29.39 -2.72 24.01
C TYR G 161 -30.11 -2.73 22.67
N GLN G 162 -29.83 -1.70 21.87
CA GLN G 162 -30.45 -1.50 20.57
C GLN G 162 -29.43 -0.87 19.63
N PHE G 163 -29.40 -1.35 18.38
CA PHE G 163 -28.60 -0.75 17.32
C PHE G 163 -29.48 0.14 16.46
N LEU G 164 -29.00 1.34 16.14
CA LEU G 164 -29.70 2.30 15.31
C LEU G 164 -28.76 2.86 14.25
N SER G 165 -29.24 2.98 13.01
CA SER G 165 -28.45 3.55 11.91
CA SER G 165 -28.47 3.53 11.89
C SER G 165 -29.13 4.82 11.42
N TYR G 166 -28.61 5.96 11.86
CA TYR G 166 -29.14 7.25 11.41
C TYR G 166 -28.51 7.63 10.07
N ARG G 167 -29.34 8.13 9.16
CA ARG G 167 -28.90 8.63 7.87
C ARG G 167 -29.47 10.03 7.67
N LYS G 168 -28.79 10.85 6.89
CA LYS G 168 -29.31 12.18 6.57
C LYS G 168 -30.57 12.05 5.72
N VAL G 169 -31.55 12.91 5.99
CA VAL G 169 -32.78 12.85 5.22
C VAL G 169 -32.55 13.28 3.78
N ASP G 170 -31.58 14.17 3.54
CA ASP G 170 -31.17 14.50 2.18
C ASP G 170 -29.72 14.95 2.12
#